data_1TMO
#
_entry.id   1TMO
#
_cell.length_a   123.320
_cell.length_b   140.700
_cell.length_c   59.390
_cell.angle_alpha   90.00
_cell.angle_beta   90.00
_cell.angle_gamma   90.00
#
_symmetry.space_group_name_H-M   'P 21 21 2'
#
loop_
_entity.id
_entity.type
_entity.pdbx_description
1 polymer 'TRIMETHYLAMINE N-OXIDE REDUCTASE'
2 non-polymer "GUANYLATE-O'-PHOSPHORIC ACID MONO-(2-AMINO-5,6-DIMERCAPTO-4-OXO-3,5,6,7,8A,9,10,10A-OCTAHYDRO-4H-8-OXA-1,3,9,10-TETRAAZA-ANTHRACEN-7-YLMETHYL) ESTER"
3 non-polymer 'MOLYBDENUM (IV)OXIDE'
4 water water
#
_entity_poly.entity_id   1
_entity_poly.type   'polypeptide(L)'
_entity_poly.pdbx_seq_one_letter_code
;MNRRDFLKGIASSSFVVLGGSSVLTPLNALAKAGINEDEWLTTGSHFGAFKMKRKNGVIAEVKPFDLDKYPTDMINGIRG
MVYNPSRVRYPMVRLDFLLKGHKSNTHQRGDFRFVRVTWDKALTLFKHSLDEVQTQYGPSGLHAGQTGWRATGQLHSSTS
HMQRAVGMHGNYVKKIGDYSTGAGQTILPYVLGSTEVYAQGTSWPLILEHSDTIVLWSNDPYKNLQVGWNAETHESFAYL
AQLKEKVKQGKIRVISIDPVVTKTQAYLGCEQLYVNPQTDVTLMLAIAHEMISKKLYDDKFIQGYSLGFEEFVPYVMGTK
DGVAKTPEWAAPICGVEAHVIRDLAKTLVKGRTQFMMGWCIQRQQHGEQPYWMAAVLATMIGQIGLPGGGISYGHHYSSI
GVPSSGAAAPGAFPRNLDENQKPLFDSSDFKGASSTIPVARWIDAILEPGKTIDANGSKVVYPDIKMMIFSGNNPWNHHQ
DRNRMKQAFHKLECVVTVDVNWTATCRFSDIVLPACTTYERNDIDVYGAYANRGILAMQKMVEPLFDSLSDFEIFTRFAA
VLGKEKEYTRNMGEMEWLETLYNECKAANAGKFEMPDFATFWKQGYVHFGDGEVWTRHADFRNDPEINPLGTPSGLIEIF
SRKIDQFGYDDCKGHPTWMEKTERSHGGPGSDKHPIWLQSCHPDKRLHSQMCESREYRETYAVNGREPVYISPVDAKARG
IKDGDIVRVFNDRGQLLAGAVVSDNFPKGIVRIHEGAWYGPVGKDGSTEGGAEVGALCSYGDPNTLTLDIGTSKLAQACS
AYTCLVEFEKYQGKVPKVSSFDGPIEVEI
;
_entity_poly.pdbx_strand_id   A
#
# COMPACT_ATOMS: atom_id res chain seq x y z
N ASN A 36 14.82 -36.49 8.43
CA ASN A 36 14.00 -37.48 7.67
C ASN A 36 13.95 -36.95 6.25
N GLU A 37 14.16 -37.83 5.27
CA GLU A 37 14.16 -37.45 3.87
C GLU A 37 12.84 -37.90 3.25
N ASP A 38 12.08 -36.92 2.76
CA ASP A 38 10.78 -37.21 2.16
C ASP A 38 10.55 -36.44 0.86
N GLU A 39 9.37 -36.62 0.30
CA GLU A 39 8.99 -35.95 -0.94
C GLU A 39 8.70 -34.47 -0.63
N TRP A 40 8.99 -33.60 -1.59
CA TRP A 40 8.75 -32.18 -1.44
C TRP A 40 7.27 -31.87 -1.60
N LEU A 41 6.80 -30.82 -0.94
CA LEU A 41 5.40 -30.41 -1.05
C LEU A 41 5.32 -29.03 -1.71
N THR A 42 4.14 -28.71 -2.26
CA THR A 42 3.92 -27.44 -2.97
C THR A 42 3.15 -26.37 -2.16
N THR A 43 3.48 -25.10 -2.39
CA THR A 43 2.81 -23.99 -1.71
C THR A 43 3.15 -22.66 -2.40
N GLY A 44 2.62 -21.56 -1.87
CA GLY A 44 2.88 -20.26 -2.46
C GLY A 44 2.52 -19.11 -1.51
N SER A 45 2.99 -17.92 -1.83
CA SER A 45 2.74 -16.72 -1.02
C SER A 45 2.94 -15.48 -1.86
N HIS A 46 2.83 -14.32 -1.21
CA HIS A 46 3.01 -13.03 -1.88
C HIS A 46 4.43 -12.83 -2.37
N PHE A 47 5.36 -13.68 -1.90
CA PHE A 47 6.77 -13.59 -2.29
C PHE A 47 7.15 -14.57 -3.42
N GLY A 48 6.22 -15.44 -3.80
CA GLY A 48 6.49 -16.42 -4.85
C GLY A 48 5.98 -17.80 -4.52
N ALA A 49 6.18 -18.76 -5.42
CA ALA A 49 5.74 -20.14 -5.20
C ALA A 49 6.93 -20.93 -4.67
N PHE A 50 6.70 -21.84 -3.74
CA PHE A 50 7.78 -22.61 -3.15
C PHE A 50 7.66 -24.13 -3.19
N LYS A 51 8.70 -24.77 -2.68
CA LYS A 51 8.83 -26.21 -2.58
C LYS A 51 9.46 -26.39 -1.19
N MET A 52 8.85 -27.23 -0.34
CA MET A 52 9.39 -27.43 1.02
C MET A 52 9.45 -28.90 1.44
N LYS A 53 10.33 -29.20 2.39
CA LYS A 53 10.49 -30.54 2.92
C LYS A 53 10.52 -30.51 4.46
N ARG A 54 9.99 -31.54 5.10
CA ARG A 54 9.93 -31.61 6.57
C ARG A 54 10.86 -32.61 7.26
N LYS A 55 11.33 -32.25 8.45
CA LYS A 55 12.24 -33.10 9.21
C LYS A 55 12.20 -32.74 10.69
N ASN A 56 12.24 -33.77 11.54
CA ASN A 56 12.20 -33.62 13.00
C ASN A 56 10.92 -32.86 13.42
N GLY A 57 9.85 -33.09 12.66
CA GLY A 57 8.57 -32.44 12.94
C GLY A 57 8.48 -30.94 12.63
N VAL A 58 9.48 -30.39 11.95
CA VAL A 58 9.49 -28.98 11.58
C VAL A 58 9.90 -28.80 10.12
N ILE A 59 9.62 -27.62 9.55
CA ILE A 59 9.97 -27.28 8.16
C ILE A 59 11.50 -27.21 8.03
N ALA A 60 12.07 -28.17 7.32
CA ALA A 60 13.52 -28.28 7.14
C ALA A 60 14.16 -27.27 6.16
N GLU A 61 13.51 -27.02 5.02
CA GLU A 61 14.05 -26.08 4.04
C GLU A 61 13.10 -25.66 2.92
N VAL A 62 13.37 -24.47 2.39
CA VAL A 62 12.58 -23.88 1.31
C VAL A 62 13.41 -23.81 0.02
N LYS A 63 12.78 -24.13 -1.09
CA LYS A 63 13.44 -24.12 -2.38
C LYS A 63 12.44 -23.45 -3.32
N PRO A 64 12.95 -22.71 -4.32
CA PRO A 64 12.09 -22.02 -5.30
C PRO A 64 11.34 -23.01 -6.17
N PHE A 65 10.19 -22.59 -6.68
CA PHE A 65 9.37 -23.44 -7.56
C PHE A 65 10.18 -23.56 -8.87
N ASP A 66 10.08 -24.71 -9.53
CA ASP A 66 10.83 -24.98 -10.76
C ASP A 66 10.80 -23.95 -11.91
N LEU A 67 9.62 -23.41 -12.21
CA LEU A 67 9.45 -22.44 -13.29
C LEU A 67 9.91 -21.00 -13.00
N ASP A 68 10.31 -20.74 -11.76
CA ASP A 68 10.72 -19.40 -11.34
C ASP A 68 12.24 -19.27 -11.49
N LYS A 69 12.68 -18.44 -12.44
CA LYS A 69 14.11 -18.27 -12.65
C LYS A 69 14.74 -17.07 -11.96
N TYR A 70 13.90 -16.20 -11.40
CA TYR A 70 14.38 -15.00 -10.70
C TYR A 70 13.70 -14.82 -9.34
N PRO A 71 14.09 -15.60 -8.33
CA PRO A 71 13.47 -15.47 -7.01
C PRO A 71 14.03 -14.29 -6.22
N THR A 72 13.32 -13.89 -5.17
CA THR A 72 13.75 -12.79 -4.31
C THR A 72 14.65 -13.27 -3.17
N ASP A 73 15.51 -12.38 -2.70
CA ASP A 73 16.41 -12.67 -1.58
C ASP A 73 15.60 -12.98 -0.30
N MET A 74 14.41 -12.39 -0.19
CA MET A 74 13.55 -12.59 0.99
C MET A 74 13.15 -14.06 1.23
N ILE A 75 13.55 -14.97 0.33
CA ILE A 75 13.24 -16.40 0.49
C ILE A 75 13.99 -16.94 1.72
N ASN A 76 15.03 -16.22 2.14
CA ASN A 76 15.83 -16.58 3.29
C ASN A 76 15.18 -16.18 4.63
N GLY A 77 14.03 -15.50 4.57
CA GLY A 77 13.34 -15.10 5.78
C GLY A 77 12.04 -15.83 6.10
N ILE A 78 11.54 -16.62 5.15
CA ILE A 78 10.30 -17.39 5.28
C ILE A 78 10.18 -18.22 6.57
N ARG A 79 11.12 -19.12 6.82
CA ARG A 79 11.09 -19.96 8.01
C ARG A 79 10.99 -19.19 9.34
N GLY A 80 11.58 -18.00 9.39
CA GLY A 80 11.54 -17.18 10.59
C GLY A 80 10.18 -16.57 10.88
N MET A 81 9.34 -16.47 9.85
CA MET A 81 8.01 -15.89 9.99
C MET A 81 7.06 -16.81 10.77
N VAL A 82 7.35 -18.12 10.73
CA VAL A 82 6.54 -19.12 11.43
C VAL A 82 7.11 -19.47 12.82
N TYR A 83 8.44 -19.57 12.92
CA TYR A 83 9.07 -19.86 14.20
C TYR A 83 9.76 -18.57 14.67
N ASN A 84 9.06 -17.78 15.49
CA ASN A 84 9.59 -16.50 15.99
C ASN A 84 9.11 -16.15 17.41
N PRO A 85 9.81 -15.23 18.10
CA PRO A 85 9.51 -14.76 19.47
C PRO A 85 8.27 -13.88 19.67
N SER A 86 7.71 -13.33 18.58
CA SER A 86 6.52 -12.48 18.69
C SER A 86 5.21 -13.23 18.43
N ARG A 87 5.25 -14.56 18.50
CA ARG A 87 4.07 -15.39 18.26
C ARG A 87 2.95 -15.21 19.31
N VAL A 88 1.71 -15.25 18.86
CA VAL A 88 0.56 -15.13 19.76
C VAL A 88 0.20 -16.56 20.23
N ARG A 89 0.49 -16.87 21.49
CA ARG A 89 0.25 -18.19 22.05
C ARG A 89 -1.20 -18.60 22.33
N TYR A 90 -1.96 -17.67 22.92
CA TYR A 90 -3.34 -17.93 23.31
C TYR A 90 -4.16 -16.64 23.44
N PRO A 91 -5.51 -16.74 23.56
CA PRO A 91 -6.34 -15.54 23.69
C PRO A 91 -6.03 -14.81 25.00
N MET A 92 -6.01 -13.48 24.95
CA MET A 92 -5.71 -12.69 26.13
C MET A 92 -6.59 -11.45 26.15
N VAL A 93 -6.81 -10.90 27.35
CA VAL A 93 -7.64 -9.70 27.51
C VAL A 93 -6.86 -8.72 28.40
N ARG A 94 -6.94 -7.44 28.06
CA ARG A 94 -6.24 -6.38 28.80
C ARG A 94 -6.74 -6.32 30.25
N LEU A 95 -5.83 -6.19 31.20
CA LEU A 95 -6.15 -6.17 32.63
C LEU A 95 -7.40 -5.41 33.10
N ASP A 96 -7.36 -4.08 33.06
CA ASP A 96 -8.50 -3.30 33.54
C ASP A 96 -9.79 -3.54 32.77
N PHE A 97 -9.67 -3.92 31.50
CA PHE A 97 -10.87 -4.18 30.71
C PHE A 97 -11.55 -5.44 31.23
N LEU A 98 -10.75 -6.44 31.58
CA LEU A 98 -11.27 -7.72 32.09
C LEU A 98 -12.02 -7.49 33.40
N LEU A 99 -11.47 -6.63 34.24
CA LEU A 99 -12.03 -6.31 35.55
C LEU A 99 -13.22 -5.34 35.52
N LYS A 100 -13.18 -4.36 34.62
CA LYS A 100 -14.22 -3.34 34.58
C LYS A 100 -15.06 -3.15 33.32
N GLY A 101 -14.84 -3.96 32.30
CA GLY A 101 -15.60 -3.82 31.07
C GLY A 101 -15.51 -2.44 30.41
N HIS A 102 -16.60 -2.01 29.77
CA HIS A 102 -16.65 -0.73 29.07
C HIS A 102 -16.43 0.54 29.90
N LYS A 103 -16.28 0.38 31.22
CA LYS A 103 -16.07 1.50 32.14
C LYS A 103 -14.62 1.52 32.66
N SER A 104 -13.72 0.90 31.91
CA SER A 104 -12.30 0.82 32.30
C SER A 104 -11.52 2.11 32.06
N ASN A 105 -10.30 2.14 32.59
CA ASN A 105 -9.38 3.29 32.45
C ASN A 105 -8.65 3.17 31.10
N THR A 106 -9.13 3.87 30.08
CA THR A 106 -8.50 3.81 28.74
C THR A 106 -7.09 4.40 28.64
N HIS A 107 -6.69 5.21 29.60
CA HIS A 107 -5.37 5.82 29.60
C HIS A 107 -4.25 4.78 29.67
N GLN A 108 -4.59 3.55 30.07
CA GLN A 108 -3.61 2.47 30.22
C GLN A 108 -3.22 1.68 28.97
N ARG A 109 -3.93 1.88 27.86
CA ARG A 109 -3.60 1.15 26.62
C ARG A 109 -2.17 1.47 26.17
N GLY A 110 -1.38 0.42 25.96
CA GLY A 110 -0.01 0.57 25.53
C GLY A 110 1.01 0.10 26.54
N ASP A 111 0.58 -0.16 27.78
CA ASP A 111 1.53 -0.62 28.81
C ASP A 111 1.90 -2.10 28.70
N PHE A 112 1.18 -2.84 27.87
CA PHE A 112 1.43 -4.27 27.60
C PHE A 112 1.00 -5.35 28.62
N ARG A 113 0.19 -5.01 29.61
CA ARG A 113 -0.23 -6.02 30.59
C ARG A 113 -1.57 -6.70 30.28
N PHE A 114 -1.49 -8.02 30.04
CA PHE A 114 -2.64 -8.83 29.68
C PHE A 114 -2.84 -10.09 30.56
N VAL A 115 -4.06 -10.61 30.55
CA VAL A 115 -4.44 -11.80 31.31
C VAL A 115 -4.94 -12.87 30.31
N ARG A 116 -4.48 -14.11 30.47
CA ARG A 116 -4.87 -15.21 29.59
C ARG A 116 -6.29 -15.72 29.91
N VAL A 117 -7.01 -16.17 28.89
CA VAL A 117 -8.37 -16.70 29.07
C VAL A 117 -8.64 -17.87 28.09
N THR A 118 -9.72 -18.61 28.27
CA THR A 118 -10.02 -19.73 27.38
C THR A 118 -10.73 -19.18 26.14
N TRP A 119 -10.90 -20.02 25.12
CA TRP A 119 -11.56 -19.57 23.90
C TRP A 119 -13.04 -19.19 24.14
N ASP A 120 -13.76 -20.04 24.88
CA ASP A 120 -15.17 -19.79 25.17
C ASP A 120 -15.41 -18.48 25.92
N LYS A 121 -14.60 -18.22 26.94
CA LYS A 121 -14.71 -16.98 27.70
C LYS A 121 -14.43 -15.78 26.80
N ALA A 122 -13.38 -15.88 26.00
CA ALA A 122 -12.99 -14.81 25.09
C ALA A 122 -14.10 -14.53 24.06
N LEU A 123 -14.74 -15.58 23.56
CA LEU A 123 -15.81 -15.41 22.59
C LEU A 123 -17.11 -14.87 23.21
N THR A 124 -17.39 -15.25 24.45
CA THR A 124 -18.59 -14.78 25.16
C THR A 124 -18.47 -13.26 25.39
N LEU A 125 -17.27 -12.82 25.78
CA LEU A 125 -17.02 -11.40 26.02
C LEU A 125 -17.15 -10.59 24.73
N PHE A 126 -16.54 -11.10 23.67
CA PHE A 126 -16.58 -10.46 22.36
C PHE A 126 -18.03 -10.17 21.98
N LYS A 127 -18.86 -11.21 21.97
CA LYS A 127 -20.27 -11.07 21.61
C LYS A 127 -21.00 -10.06 22.49
N HIS A 128 -20.87 -10.20 23.81
CA HIS A 128 -21.51 -9.27 24.74
C HIS A 128 -21.21 -7.80 24.37
N SER A 129 -19.99 -7.52 23.91
CA SER A 129 -19.61 -6.17 23.51
C SER A 129 -20.35 -5.70 22.28
N LEU A 130 -20.61 -6.62 21.34
CA LEU A 130 -21.34 -6.25 20.14
C LEU A 130 -22.80 -5.97 20.53
N ASP A 131 -23.29 -6.65 21.56
CA ASP A 131 -24.66 -6.47 22.06
C ASP A 131 -24.81 -5.08 22.64
N GLU A 132 -23.90 -4.72 23.54
CA GLU A 132 -23.96 -3.42 24.20
C GLU A 132 -23.96 -2.23 23.26
N VAL A 133 -23.10 -2.27 22.23
CA VAL A 133 -23.00 -1.17 21.27
C VAL A 133 -24.21 -1.02 20.33
N GLN A 134 -24.74 -2.12 19.81
CA GLN A 134 -25.91 -2.04 18.91
C GLN A 134 -27.10 -1.47 19.67
N THR A 135 -27.20 -1.82 20.95
CA THR A 135 -28.28 -1.38 21.83
C THR A 135 -28.17 0.10 22.22
N GLN A 136 -27.06 0.46 22.85
CA GLN A 136 -26.85 1.82 23.31
C GLN A 136 -26.63 2.85 22.19
N TYR A 137 -25.97 2.44 21.10
CA TYR A 137 -25.67 3.39 20.04
C TYR A 137 -26.19 3.13 18.63
N GLY A 138 -26.18 1.87 18.21
CA GLY A 138 -26.65 1.54 16.88
C GLY A 138 -25.52 1.30 15.89
N PRO A 139 -25.85 1.11 14.60
CA PRO A 139 -24.88 0.86 13.52
C PRO A 139 -23.76 1.89 13.30
N SER A 140 -24.04 3.17 13.58
CA SER A 140 -23.02 4.21 13.39
C SER A 140 -21.92 4.21 14.46
N GLY A 141 -22.07 3.38 15.49
CA GLY A 141 -21.09 3.32 16.55
C GLY A 141 -20.08 2.18 16.46
N LEU A 142 -20.10 1.48 15.33
CA LEU A 142 -19.20 0.34 15.08
C LEU A 142 -18.51 0.48 13.72
N HIS A 143 -17.19 0.35 13.70
CA HIS A 143 -16.44 0.45 12.44
C HIS A 143 -15.67 -0.84 12.22
N ALA A 144 -16.09 -1.63 11.22
CA ALA A 144 -15.42 -2.89 10.91
C ALA A 144 -15.12 -3.05 9.41
N GLY A 145 -14.67 -2.00 8.75
CA GLY A 145 -14.40 -2.10 7.33
C GLY A 145 -13.01 -1.86 6.77
N GLN A 146 -12.00 -1.73 7.63
CA GLN A 146 -10.63 -1.49 7.20
C GLN A 146 -10.01 -2.75 6.57
N THR A 147 -9.26 -2.56 5.48
CA THR A 147 -8.61 -3.66 4.77
C THR A 147 -7.11 -3.42 4.61
N GLY A 148 -6.38 -4.49 4.28
CA GLY A 148 -4.93 -4.40 4.10
C GLY A 148 -4.33 -5.62 3.43
N TRP A 149 -3.02 -5.80 3.56
CA TRP A 149 -2.33 -6.93 2.93
C TRP A 149 -2.41 -8.30 3.62
N ARG A 150 -3.59 -8.90 3.58
CA ARG A 150 -3.77 -10.23 4.16
C ARG A 150 -3.02 -11.25 3.30
N ALA A 151 -2.69 -12.40 3.86
CA ALA A 151 -1.96 -13.44 3.14
C ALA A 151 -2.80 -14.06 2.02
N THR A 152 -2.13 -14.59 0.99
CA THR A 152 -2.82 -15.21 -0.13
C THR A 152 -3.65 -16.43 0.26
N GLY A 153 -4.70 -16.71 -0.51
CA GLY A 153 -5.55 -17.86 -0.25
C GLY A 153 -7.02 -17.57 -0.55
N GLN A 154 -7.65 -18.40 -1.38
CA GLN A 154 -9.06 -18.21 -1.76
C GLN A 154 -10.10 -18.63 -0.71
N LEU A 155 -9.76 -19.59 0.14
CA LEU A 155 -10.69 -20.05 1.19
C LEU A 155 -10.48 -19.40 2.56
N HIS A 156 -9.23 -19.23 2.98
CA HIS A 156 -8.94 -18.67 4.29
C HIS A 156 -8.81 -17.15 4.48
N SER A 157 -8.87 -16.37 3.40
CA SER A 157 -8.75 -14.90 3.47
C SER A 157 -9.42 -14.32 4.74
N SER A 158 -8.60 -13.85 5.67
CA SER A 158 -9.07 -13.37 6.97
C SER A 158 -10.14 -12.28 7.09
N THR A 159 -9.98 -11.16 6.39
CA THR A 159 -10.95 -10.09 6.50
C THR A 159 -12.36 -10.50 6.06
N SER A 160 -12.45 -11.40 5.09
CA SER A 160 -13.73 -11.88 4.59
C SER A 160 -14.50 -12.73 5.61
N HIS A 161 -13.79 -13.47 6.45
CA HIS A 161 -14.42 -14.31 7.47
C HIS A 161 -14.99 -13.46 8.60
N MET A 162 -14.25 -12.43 9.00
CA MET A 162 -14.65 -11.52 10.06
C MET A 162 -15.94 -10.76 9.71
N GLN A 163 -15.91 -10.06 8.58
CA GLN A 163 -17.04 -9.27 8.11
C GLN A 163 -18.33 -10.06 7.87
N ARG A 164 -18.20 -11.29 7.40
CA ARG A 164 -19.38 -12.12 7.16
C ARG A 164 -20.08 -12.46 8.50
N ALA A 165 -19.30 -12.87 9.50
CA ALA A 165 -19.83 -13.24 10.81
C ALA A 165 -20.37 -12.04 11.61
N VAL A 166 -19.60 -10.95 11.64
CA VAL A 166 -20.02 -9.75 12.35
C VAL A 166 -21.29 -9.17 11.73
N GLY A 167 -21.45 -9.35 10.42
CA GLY A 167 -22.63 -8.87 9.73
C GLY A 167 -23.87 -9.64 10.14
N MET A 168 -23.71 -10.92 10.47
CA MET A 168 -24.83 -11.75 10.90
C MET A 168 -25.36 -11.29 12.27
N HIS A 169 -24.61 -10.41 12.92
CA HIS A 169 -24.97 -9.85 14.21
C HIS A 169 -25.64 -8.47 13.98
N GLY A 170 -24.96 -7.60 13.25
CA GLY A 170 -25.51 -6.28 12.97
C GLY A 170 -24.63 -5.45 12.05
N ASN A 171 -25.23 -4.43 11.43
CA ASN A 171 -24.55 -3.52 10.50
C ASN A 171 -23.43 -2.67 11.13
N TYR A 172 -22.66 -1.99 10.29
CA TYR A 172 -21.55 -1.14 10.72
C TYR A 172 -21.13 -0.13 9.65
N VAL A 173 -20.15 0.72 9.97
CA VAL A 173 -19.63 1.75 9.06
C VAL A 173 -18.53 1.21 8.11
N LYS A 174 -18.62 1.59 6.84
CA LYS A 174 -17.67 1.19 5.79
C LYS A 174 -16.82 2.37 5.23
N LYS A 175 -15.91 2.06 4.30
CA LYS A 175 -15.05 3.10 3.70
C LYS A 175 -14.84 2.92 2.20
N ILE A 176 -14.11 3.84 1.58
CA ILE A 176 -13.82 3.79 0.13
C ILE A 176 -12.42 4.35 -0.15
N GLY A 177 -11.63 3.61 -0.93
CA GLY A 177 -10.29 4.05 -1.28
C GLY A 177 -9.21 3.21 -0.63
N ASP A 178 -7.95 3.66 -0.74
CA ASP A 178 -6.80 2.97 -0.15
C ASP A 178 -5.61 3.92 0.04
N TYR A 179 -4.54 3.44 0.68
CA TYR A 179 -3.35 4.26 0.93
C TYR A 179 -2.32 4.31 -0.21
N SER A 180 -2.59 3.59 -1.30
CA SER A 180 -1.66 3.57 -2.42
C SER A 180 -1.89 4.54 -3.57
N THR A 181 -3.09 4.50 -4.16
CA THR A 181 -3.41 5.37 -5.29
C THR A 181 -4.63 6.25 -4.99
N GLY A 182 -4.78 6.61 -3.72
CA GLY A 182 -5.90 7.42 -3.26
C GLY A 182 -6.29 8.61 -4.12
N ALA A 183 -5.31 9.44 -4.48
CA ALA A 183 -5.60 10.61 -5.30
C ALA A 183 -5.68 10.25 -6.78
N GLY A 184 -4.71 9.45 -7.24
CA GLY A 184 -4.66 9.05 -8.64
C GLY A 184 -5.92 8.40 -9.20
N GLN A 185 -6.52 7.48 -8.44
CA GLN A 185 -7.75 6.79 -8.86
C GLN A 185 -9.00 7.68 -8.88
N THR A 186 -8.95 8.80 -8.18
CA THR A 186 -10.06 9.74 -8.12
C THR A 186 -10.03 10.73 -9.28
N ILE A 187 -8.83 11.13 -9.70
CA ILE A 187 -8.67 12.09 -10.80
C ILE A 187 -8.66 11.53 -12.23
N LEU A 188 -7.98 10.42 -12.47
CA LEU A 188 -7.92 9.89 -13.84
C LEU A 188 -9.25 9.63 -14.56
N PRO A 189 -10.31 9.25 -13.83
CA PRO A 189 -11.58 9.00 -14.53
C PRO A 189 -12.08 10.27 -15.26
N TYR A 190 -11.79 11.45 -14.70
CA TYR A 190 -12.20 12.71 -15.31
C TYR A 190 -11.38 13.07 -16.56
N VAL A 191 -10.13 12.60 -16.60
CA VAL A 191 -9.21 12.90 -17.70
C VAL A 191 -9.15 11.84 -18.81
N LEU A 192 -8.76 10.62 -18.46
CA LEU A 192 -8.65 9.50 -19.41
C LEU A 192 -9.84 8.54 -19.37
N GLY A 193 -10.72 8.72 -18.39
CA GLY A 193 -11.92 7.90 -18.30
C GLY A 193 -11.82 6.54 -17.62
N SER A 194 -10.80 6.37 -16.77
CA SER A 194 -10.61 5.11 -16.06
C SER A 194 -9.65 5.39 -14.91
N THR A 195 -9.51 4.42 -14.00
CA THR A 195 -8.60 4.56 -12.86
C THR A 195 -7.15 4.36 -13.35
N GLU A 196 -6.98 3.58 -14.42
CA GLU A 196 -5.67 3.32 -15.05
C GLU A 196 -4.63 2.54 -14.24
N VAL A 197 -4.49 2.88 -12.97
CA VAL A 197 -3.51 2.27 -12.09
C VAL A 197 -3.55 0.74 -11.89
N TYR A 198 -4.73 0.13 -11.98
CA TYR A 198 -4.83 -1.32 -11.79
C TYR A 198 -5.19 -2.10 -13.08
N ALA A 199 -4.99 -1.47 -14.24
CA ALA A 199 -5.31 -2.09 -15.54
C ALA A 199 -4.10 -2.70 -16.28
N GLN A 200 -4.36 -3.57 -17.25
CA GLN A 200 -3.28 -4.21 -18.03
C GLN A 200 -2.71 -3.23 -19.04
N GLY A 201 -1.40 -3.27 -19.26
CA GLY A 201 -0.77 -2.34 -20.19
C GLY A 201 -0.06 -2.98 -21.37
N THR A 202 0.58 -2.14 -22.18
CA THR A 202 1.32 -2.56 -23.37
C THR A 202 2.39 -3.60 -23.01
N SER A 203 2.43 -4.68 -23.79
CA SER A 203 3.35 -5.78 -23.60
C SER A 203 4.83 -5.44 -23.72
N TRP A 204 5.63 -5.95 -22.77
CA TRP A 204 7.06 -5.73 -22.72
C TRP A 204 7.83 -5.91 -24.05
N PRO A 205 7.54 -6.98 -24.81
CA PRO A 205 8.25 -7.17 -26.08
C PRO A 205 8.03 -6.02 -27.07
N LEU A 206 6.79 -5.55 -27.17
CA LEU A 206 6.44 -4.45 -28.08
C LEU A 206 7.18 -3.17 -27.68
N ILE A 207 7.44 -3.02 -26.39
CA ILE A 207 8.17 -1.86 -25.87
C ILE A 207 9.66 -1.98 -26.23
N LEU A 208 10.23 -3.16 -25.97
CA LEU A 208 11.65 -3.42 -26.25
C LEU A 208 12.00 -3.26 -27.74
N GLU A 209 11.01 -3.46 -28.60
CA GLU A 209 11.21 -3.36 -30.05
C GLU A 209 10.90 -1.99 -30.68
N HIS A 210 10.22 -1.10 -29.96
CA HIS A 210 9.86 0.21 -30.53
C HIS A 210 10.28 1.48 -29.80
N SER A 211 10.42 1.42 -28.49
CA SER A 211 10.80 2.59 -27.71
C SER A 211 12.25 3.02 -27.87
N ASP A 212 12.47 4.32 -28.06
CA ASP A 212 13.82 4.89 -28.18
C ASP A 212 14.20 5.39 -26.77
N THR A 213 13.24 6.04 -26.12
CA THR A 213 13.44 6.60 -24.78
C THR A 213 12.39 6.09 -23.79
N ILE A 214 12.83 5.67 -22.60
CA ILE A 214 11.94 5.19 -21.55
C ILE A 214 12.16 6.08 -20.32
N VAL A 215 11.13 6.84 -19.93
CA VAL A 215 11.24 7.74 -18.78
C VAL A 215 10.67 7.18 -17.48
N LEU A 216 11.54 6.97 -16.50
CA LEU A 216 11.12 6.47 -15.19
C LEU A 216 10.94 7.66 -14.25
N TRP A 217 9.70 8.09 -14.08
CA TRP A 217 9.37 9.24 -13.23
C TRP A 217 8.79 8.75 -11.90
N SER A 218 9.59 8.90 -10.84
CA SER A 218 9.18 8.48 -9.49
C SER A 218 8.82 6.99 -9.57
N ASN A 219 9.76 6.18 -10.07
CA ASN A 219 9.52 4.76 -10.26
C ASN A 219 10.76 3.89 -10.05
N ASP A 220 10.67 2.89 -9.17
CA ASP A 220 11.77 1.96 -8.88
C ASP A 220 11.25 0.51 -9.00
N PRO A 221 10.94 0.06 -10.24
CA PRO A 221 10.43 -1.28 -10.52
C PRO A 221 11.34 -2.46 -10.19
N TYR A 222 12.65 -2.26 -10.15
CA TYR A 222 13.56 -3.36 -9.84
C TYR A 222 13.37 -3.87 -8.42
N LYS A 223 13.06 -2.96 -7.51
CA LYS A 223 12.83 -3.31 -6.11
C LYS A 223 11.38 -3.71 -5.84
N ASN A 224 10.46 -2.93 -6.37
CA ASN A 224 9.02 -3.14 -6.14
C ASN A 224 8.33 -4.25 -6.91
N LEU A 225 9.08 -4.97 -7.73
CA LEU A 225 8.52 -6.07 -8.51
C LEU A 225 8.69 -7.43 -7.80
N GLN A 226 9.39 -7.41 -6.66
CA GLN A 226 9.64 -8.60 -5.86
C GLN A 226 8.41 -9.26 -5.21
N VAL A 227 7.27 -8.56 -5.16
CA VAL A 227 6.02 -9.10 -4.58
C VAL A 227 4.80 -8.95 -5.50
N GLY A 228 3.72 -9.70 -5.22
CA GLY A 228 2.52 -9.64 -6.04
C GLY A 228 1.25 -9.86 -5.22
N TRP A 229 0.09 -9.56 -5.81
CA TRP A 229 -1.20 -9.73 -5.12
C TRP A 229 -1.52 -11.21 -4.90
N ASN A 230 -1.18 -12.04 -5.89
CA ASN A 230 -1.34 -13.50 -5.82
C ASN A 230 0.06 -14.06 -5.99
N ALA A 231 0.21 -15.39 -6.00
CA ALA A 231 1.53 -16.03 -6.16
C ALA A 231 2.29 -15.39 -7.33
N GLU A 232 3.39 -14.73 -7.03
CA GLU A 232 4.19 -14.01 -8.04
C GLU A 232 5.15 -14.82 -8.93
N THR A 233 4.87 -14.86 -10.23
CA THR A 233 5.68 -15.59 -11.21
C THR A 233 7.08 -15.03 -11.41
N HIS A 234 7.23 -13.71 -11.23
CA HIS A 234 8.51 -13.03 -11.40
C HIS A 234 8.95 -12.95 -12.87
N GLU A 235 7.98 -13.15 -13.78
CA GLU A 235 8.23 -13.11 -15.23
C GLU A 235 8.83 -11.79 -15.69
N SER A 236 8.40 -10.69 -15.06
CA SER A 236 8.90 -9.35 -15.41
C SER A 236 10.43 -9.21 -15.39
N PHE A 237 11.09 -9.94 -14.48
CA PHE A 237 12.55 -9.84 -14.37
C PHE A 237 13.33 -10.31 -15.59
N ALA A 238 12.71 -11.13 -16.43
CA ALA A 238 13.35 -11.63 -17.63
C ALA A 238 13.42 -10.48 -18.64
N TYR A 239 12.38 -9.64 -18.65
CA TYR A 239 12.32 -8.49 -19.55
C TYR A 239 13.20 -7.34 -19.08
N LEU A 240 13.39 -7.21 -17.76
CA LEU A 240 14.26 -6.17 -17.22
C LEU A 240 15.70 -6.54 -17.61
N ALA A 241 15.98 -7.82 -17.67
CA ALA A 241 17.31 -8.29 -18.04
C ALA A 241 17.59 -7.92 -19.49
N GLN A 242 16.61 -8.15 -20.36
CA GLN A 242 16.75 -7.80 -21.77
C GLN A 242 16.98 -6.31 -21.94
N LEU A 243 16.33 -5.50 -21.10
CA LEU A 243 16.47 -4.04 -21.11
C LEU A 243 17.90 -3.61 -20.78
N LYS A 244 18.48 -4.26 -19.79
CA LYS A 244 19.86 -3.96 -19.39
C LYS A 244 20.81 -4.13 -20.61
N GLU A 245 20.46 -5.06 -21.50
CA GLU A 245 21.27 -5.30 -22.68
C GLU A 245 21.17 -4.11 -23.62
N LYS A 246 19.94 -3.72 -23.94
CA LYS A 246 19.67 -2.58 -24.80
C LYS A 246 20.37 -1.31 -24.33
N VAL A 247 20.43 -1.11 -23.02
CA VAL A 247 21.10 0.05 -22.44
C VAL A 247 22.59 0.00 -22.74
N LYS A 248 23.20 -1.17 -22.57
CA LYS A 248 24.64 -1.34 -22.82
C LYS A 248 24.98 -1.17 -24.31
N GLN A 249 24.23 -1.83 -25.18
CA GLN A 249 24.45 -1.73 -26.62
C GLN A 249 24.26 -0.30 -27.15
N GLY A 250 23.57 0.53 -26.36
CA GLY A 250 23.32 1.91 -26.74
C GLY A 250 22.14 2.08 -27.67
N LYS A 251 21.21 1.13 -27.64
CA LYS A 251 20.03 1.14 -28.49
C LYS A 251 18.79 1.79 -27.84
N ILE A 252 18.74 1.79 -26.51
CA ILE A 252 17.63 2.39 -25.74
C ILE A 252 18.18 3.32 -24.64
N ARG A 253 17.58 4.50 -24.50
CA ARG A 253 17.99 5.47 -23.49
C ARG A 253 16.97 5.54 -22.33
N VAL A 254 17.45 5.36 -21.11
CA VAL A 254 16.61 5.40 -19.92
C VAL A 254 17.01 6.56 -19.00
N ILE A 255 16.01 7.37 -18.65
CA ILE A 255 16.22 8.55 -17.79
C ILE A 255 15.38 8.44 -16.51
N SER A 256 16.03 8.49 -15.35
CA SER A 256 15.34 8.42 -14.06
C SER A 256 15.19 9.80 -13.40
N ILE A 257 13.97 10.32 -13.35
CA ILE A 257 13.70 11.63 -12.72
C ILE A 257 13.36 11.38 -11.24
N ASP A 258 14.37 11.59 -10.37
CA ASP A 258 14.23 11.30 -8.94
C ASP A 258 15.25 12.11 -8.12
N PRO A 259 14.89 12.50 -6.88
CA PRO A 259 15.80 13.26 -6.01
C PRO A 259 16.86 12.34 -5.38
N VAL A 260 16.66 11.03 -5.52
CA VAL A 260 17.55 10.03 -4.95
C VAL A 260 18.00 9.04 -6.04
N VAL A 261 19.14 8.36 -5.81
CA VAL A 261 19.67 7.36 -6.73
C VAL A 261 18.98 6.04 -6.37
N THR A 262 18.27 5.46 -7.32
CA THR A 262 17.53 4.22 -7.09
C THR A 262 18.23 2.90 -7.40
N LYS A 263 17.64 1.81 -6.91
CA LYS A 263 18.16 0.47 -7.10
C LYS A 263 18.18 0.13 -8.60
N THR A 264 17.15 0.53 -9.33
CA THR A 264 17.02 0.31 -10.78
C THR A 264 18.12 0.99 -11.60
N GLN A 265 18.45 2.23 -11.26
CA GLN A 265 19.49 3.01 -11.92
C GLN A 265 20.84 2.30 -11.73
N ALA A 266 21.05 1.72 -10.56
CA ALA A 266 22.28 1.01 -10.28
C ALA A 266 22.40 -0.28 -11.11
N TYR A 267 21.28 -1.02 -11.22
CA TYR A 267 21.23 -2.27 -11.99
C TYR A 267 21.42 -2.08 -13.50
N LEU A 268 20.77 -1.07 -14.07
CA LEU A 268 20.87 -0.77 -15.50
C LEU A 268 22.12 0.03 -15.88
N GLY A 269 22.61 0.87 -14.97
CA GLY A 269 23.74 1.71 -15.29
C GLY A 269 23.27 2.86 -16.20
N CYS A 270 22.11 3.44 -15.89
CA CYS A 270 21.56 4.55 -16.69
C CYS A 270 21.76 5.92 -16.00
N GLU A 271 21.21 6.99 -16.58
CA GLU A 271 21.38 8.34 -16.04
C GLU A 271 20.30 8.80 -15.07
N GLN A 272 20.54 9.95 -14.44
CA GLN A 272 19.61 10.55 -13.46
C GLN A 272 19.46 12.06 -13.63
N LEU A 273 18.25 12.58 -13.37
CA LEU A 273 17.97 14.02 -13.42
C LEU A 273 17.37 14.44 -12.06
N TYR A 274 18.16 15.14 -11.25
CA TYR A 274 17.73 15.61 -9.93
C TYR A 274 16.61 16.65 -9.96
N VAL A 275 15.69 16.57 -9.00
CA VAL A 275 14.56 17.50 -8.87
C VAL A 275 14.28 17.69 -7.38
N ASN A 276 14.05 18.92 -6.95
CA ASN A 276 13.75 19.17 -5.53
C ASN A 276 12.45 18.42 -5.20
N PRO A 277 12.37 17.79 -4.01
CA PRO A 277 11.16 17.04 -3.65
C PRO A 277 9.91 17.91 -3.69
N GLN A 278 8.82 17.35 -4.24
CA GLN A 278 7.53 18.03 -4.32
C GLN A 278 7.39 19.20 -5.32
N THR A 279 8.42 19.46 -6.13
CA THR A 279 8.38 20.57 -7.10
C THR A 279 8.19 20.19 -8.59
N ASP A 280 7.91 18.91 -8.85
CA ASP A 280 7.71 18.38 -10.20
C ASP A 280 6.77 19.13 -11.14
N VAL A 281 5.67 19.66 -10.60
CA VAL A 281 4.68 20.37 -11.40
C VAL A 281 5.22 21.64 -12.09
N THR A 282 6.16 22.33 -11.46
CA THR A 282 6.73 23.54 -12.05
C THR A 282 7.58 23.20 -13.27
N LEU A 283 8.15 21.99 -13.27
CA LEU A 283 8.99 21.51 -14.38
C LEU A 283 8.13 21.19 -15.59
N MET A 284 7.03 20.48 -15.36
CA MET A 284 6.10 20.12 -16.43
C MET A 284 5.56 21.38 -17.09
N LEU A 285 5.14 22.36 -16.29
CA LEU A 285 4.63 23.63 -16.82
C LEU A 285 5.65 24.35 -17.70
N ALA A 286 6.93 24.30 -17.30
CA ALA A 286 8.02 24.93 -18.07
C ALA A 286 8.26 24.22 -19.40
N ILE A 287 8.17 22.89 -19.38
CA ILE A 287 8.35 22.07 -20.56
C ILE A 287 7.25 22.41 -21.58
N ALA A 288 6.01 22.54 -21.10
CA ALA A 288 4.88 22.88 -21.98
C ALA A 288 5.04 24.29 -22.56
N HIS A 289 5.81 25.14 -21.88
CA HIS A 289 6.03 26.50 -22.37
C HIS A 289 6.97 26.48 -23.58
N GLU A 290 8.00 25.64 -23.52
CA GLU A 290 8.95 25.50 -24.64
C GLU A 290 8.24 24.98 -25.88
N MET A 291 7.36 23.99 -25.69
CA MET A 291 6.62 23.41 -26.80
C MET A 291 5.68 24.40 -27.50
N ILE A 292 5.30 25.46 -26.81
CA ILE A 292 4.42 26.47 -27.41
C ILE A 292 5.23 27.45 -28.26
N SER A 293 6.27 28.03 -27.66
CA SER A 293 7.14 28.99 -28.33
C SER A 293 7.72 28.48 -29.63
N LYS A 294 8.37 27.33 -29.55
CA LYS A 294 9.03 26.72 -30.69
C LYS A 294 8.26 25.62 -31.40
N LYS A 295 6.93 25.77 -31.43
CA LYS A 295 6.00 24.84 -32.08
C LYS A 295 6.43 23.37 -32.15
N LEU A 296 6.56 22.73 -31.00
CA LEU A 296 6.98 21.33 -30.95
C LEU A 296 5.85 20.32 -30.70
N TYR A 297 4.64 20.82 -30.45
CA TYR A 297 3.50 19.95 -30.16
C TYR A 297 2.72 19.49 -31.40
N ASP A 298 2.13 18.30 -31.31
CA ASP A 298 1.35 17.72 -32.41
C ASP A 298 -0.03 18.34 -32.44
N ASP A 299 -0.27 19.21 -33.41
CA ASP A 299 -1.57 19.88 -33.53
C ASP A 299 -2.71 18.95 -33.95
N LYS A 300 -2.44 17.98 -34.82
CA LYS A 300 -3.48 17.05 -35.27
C LYS A 300 -4.14 16.27 -34.13
N PHE A 301 -3.30 15.60 -33.33
CA PHE A 301 -3.77 14.81 -32.21
C PHE A 301 -4.62 15.64 -31.22
N ILE A 302 -4.15 16.84 -30.88
CA ILE A 302 -4.89 17.70 -29.95
C ILE A 302 -6.30 18.02 -30.43
N GLN A 303 -6.43 18.51 -31.66
CA GLN A 303 -7.72 18.88 -32.26
C GLN A 303 -8.70 17.72 -32.48
N GLY A 304 -8.18 16.53 -32.77
CA GLY A 304 -9.06 15.40 -33.00
C GLY A 304 -9.29 14.46 -31.84
N TYR A 305 -8.47 14.55 -30.79
CA TYR A 305 -8.63 13.64 -29.66
C TYR A 305 -8.83 14.24 -28.26
N SER A 306 -8.95 15.55 -28.14
CA SER A 306 -9.12 16.18 -26.82
C SER A 306 -10.05 17.40 -26.81
N LEU A 307 -10.09 18.06 -25.65
CA LEU A 307 -10.90 19.26 -25.40
C LEU A 307 -10.25 20.15 -24.34
N GLY A 308 -10.39 21.46 -24.50
CA GLY A 308 -9.86 22.39 -23.52
C GLY A 308 -8.48 23.02 -23.65
N PHE A 309 -7.70 22.66 -24.68
CA PHE A 309 -6.35 23.21 -24.84
C PHE A 309 -6.32 24.75 -24.85
N GLU A 310 -7.26 25.34 -25.57
CA GLU A 310 -7.34 26.80 -25.68
C GLU A 310 -7.68 27.55 -24.38
N GLU A 311 -8.23 26.83 -23.40
CA GLU A 311 -8.58 27.42 -22.10
C GLU A 311 -7.42 27.31 -21.11
N PHE A 312 -6.46 26.44 -21.43
CA PHE A 312 -5.29 26.19 -20.60
C PHE A 312 -4.08 27.07 -20.99
N VAL A 313 -3.90 27.30 -22.29
CA VAL A 313 -2.81 28.11 -22.83
C VAL A 313 -2.58 29.44 -22.08
N PRO A 314 -3.67 30.23 -21.86
CA PRO A 314 -3.56 31.52 -21.14
C PRO A 314 -2.81 31.45 -19.81
N TYR A 315 -2.98 30.36 -19.07
CA TYR A 315 -2.33 30.19 -17.77
C TYR A 315 -0.82 30.04 -17.90
N VAL A 316 -0.39 29.14 -18.77
CA VAL A 316 1.02 28.87 -19.01
C VAL A 316 1.73 30.11 -19.56
N MET A 317 1.00 30.87 -20.39
CA MET A 317 1.51 32.08 -21.03
C MET A 317 1.47 33.37 -20.20
N GLY A 318 0.79 33.34 -19.06
CA GLY A 318 0.72 34.51 -18.18
C GLY A 318 -0.12 35.70 -18.62
N THR A 319 -0.97 35.49 -19.62
CA THR A 319 -1.81 36.57 -20.15
C THR A 319 -2.84 37.11 -19.15
N LYS A 320 -3.16 36.35 -18.11
CA LYS A 320 -4.15 36.78 -17.11
C LYS A 320 -3.60 37.02 -15.71
N ASP A 321 -2.87 36.05 -15.17
CA ASP A 321 -2.31 36.21 -13.83
C ASP A 321 -1.05 37.09 -13.76
N GLY A 322 -0.43 37.33 -14.92
CA GLY A 322 0.75 38.18 -14.94
C GLY A 322 2.13 37.54 -14.99
N VAL A 323 2.22 36.22 -14.89
CA VAL A 323 3.53 35.57 -14.94
C VAL A 323 3.61 34.38 -15.90
N ALA A 324 4.56 34.45 -16.82
CA ALA A 324 4.78 33.37 -17.78
C ALA A 324 5.51 32.26 -17.02
N LYS A 325 5.04 31.03 -17.21
CA LYS A 325 5.64 29.88 -16.55
C LYS A 325 6.82 29.39 -17.41
N THR A 326 7.83 30.25 -17.52
CA THR A 326 9.01 29.95 -18.32
C THR A 326 10.07 29.16 -17.56
N PRO A 327 11.06 28.58 -18.28
CA PRO A 327 12.13 27.82 -17.64
C PRO A 327 12.89 28.71 -16.67
N GLU A 328 13.03 29.98 -17.04
CA GLU A 328 13.72 30.97 -16.21
C GLU A 328 13.00 31.13 -14.86
N TRP A 329 11.68 30.96 -14.87
CA TRP A 329 10.81 31.07 -13.69
C TRP A 329 10.92 29.81 -12.81
N ALA A 330 10.79 28.66 -13.45
CA ALA A 330 10.82 27.35 -12.80
C ALA A 330 12.17 26.96 -12.21
N ALA A 331 13.25 27.38 -12.84
CA ALA A 331 14.63 27.06 -12.43
C ALA A 331 15.01 27.10 -10.94
N PRO A 332 14.86 28.25 -10.25
CA PRO A 332 15.24 28.26 -8.83
C PRO A 332 14.27 27.49 -7.91
N ILE A 333 13.10 27.14 -8.43
CA ILE A 333 12.11 26.40 -7.66
C ILE A 333 12.38 24.91 -7.72
N CYS A 334 12.40 24.34 -8.93
CA CYS A 334 12.64 22.91 -9.10
C CYS A 334 14.10 22.47 -9.02
N GLY A 335 15.03 23.42 -9.17
CA GLY A 335 16.45 23.10 -9.10
C GLY A 335 17.07 22.55 -10.37
N VAL A 336 16.53 22.96 -11.51
CA VAL A 336 17.03 22.52 -12.82
C VAL A 336 17.32 23.76 -13.65
N GLU A 337 18.52 23.84 -14.22
CA GLU A 337 18.89 25.00 -15.04
C GLU A 337 18.09 25.15 -16.34
N ALA A 338 17.78 26.39 -16.69
CA ALA A 338 17.00 26.70 -17.89
C ALA A 338 17.42 25.96 -19.16
N HIS A 339 18.73 25.87 -19.41
CA HIS A 339 19.22 25.19 -20.60
C HIS A 339 19.09 23.66 -20.55
N VAL A 340 19.03 23.11 -19.35
CA VAL A 340 18.86 21.67 -19.16
C VAL A 340 17.40 21.34 -19.45
N ILE A 341 16.50 22.23 -19.06
CA ILE A 341 15.06 22.02 -19.28
C ILE A 341 14.72 22.04 -20.77
N ARG A 342 15.34 22.95 -21.51
CA ARG A 342 15.09 23.05 -22.94
C ARG A 342 15.61 21.81 -23.69
N ASP A 343 16.73 21.27 -23.21
CA ASP A 343 17.32 20.07 -23.80
C ASP A 343 16.40 18.85 -23.58
N LEU A 344 15.79 18.75 -22.41
CA LEU A 344 14.89 17.63 -22.12
C LEU A 344 13.69 17.68 -23.08
N ALA A 345 13.14 18.88 -23.26
CA ALA A 345 11.99 19.06 -24.16
C ALA A 345 12.23 18.53 -25.58
N LYS A 346 13.39 18.84 -26.14
CA LYS A 346 13.71 18.36 -27.50
C LYS A 346 13.82 16.83 -27.57
N THR A 347 14.28 16.22 -26.49
CA THR A 347 14.44 14.78 -26.41
C THR A 347 13.12 14.00 -26.45
N LEU A 348 12.09 14.54 -25.80
CA LEU A 348 10.80 13.88 -25.73
C LEU A 348 10.03 13.83 -27.06
N VAL A 349 10.42 14.69 -28.00
CA VAL A 349 9.77 14.69 -29.32
C VAL A 349 10.66 14.13 -30.43
N LYS A 350 11.94 13.94 -30.11
CA LYS A 350 12.93 13.43 -31.07
C LYS A 350 12.57 12.06 -31.63
N GLY A 351 12.12 11.15 -30.77
CA GLY A 351 11.74 9.82 -31.20
C GLY A 351 10.48 9.33 -30.53
N ARG A 352 10.32 8.01 -30.41
CA ARG A 352 9.13 7.45 -29.75
C ARG A 352 9.44 7.35 -28.26
N THR A 353 8.66 8.06 -27.44
CA THR A 353 8.84 8.10 -25.98
C THR A 353 7.75 7.37 -25.18
N GLN A 354 8.16 6.63 -24.15
CA GLN A 354 7.26 5.87 -23.28
C GLN A 354 7.40 6.30 -21.81
N PHE A 355 6.34 6.85 -21.25
CA PHE A 355 6.32 7.29 -19.85
C PHE A 355 5.92 6.16 -18.90
N MET A 356 6.60 6.06 -17.76
CA MET A 356 6.29 5.05 -16.75
C MET A 356 6.33 5.74 -15.39
N MET A 357 5.14 6.06 -14.89
CA MET A 357 4.97 6.74 -13.60
C MET A 357 4.81 5.78 -12.43
N GLY A 358 5.36 6.16 -11.27
CA GLY A 358 5.23 5.36 -10.06
C GLY A 358 4.04 5.84 -9.26
N TRP A 359 3.93 5.40 -8.01
CA TRP A 359 2.78 5.79 -7.18
C TRP A 359 3.08 6.78 -6.05
N CYS A 360 4.33 6.80 -5.61
CA CYS A 360 4.78 7.67 -4.51
C CYS A 360 4.47 9.17 -4.64
N ILE A 361 4.71 9.71 -5.84
CA ILE A 361 4.51 11.11 -6.17
C ILE A 361 3.08 11.66 -5.89
N GLN A 362 2.07 10.80 -5.94
CA GLN A 362 0.70 11.25 -5.68
C GLN A 362 0.26 11.09 -4.21
N ARG A 363 1.20 10.75 -3.35
CA ARG A 363 0.96 10.55 -1.91
C ARG A 363 1.52 11.76 -1.15
N GLN A 364 1.17 12.96 -1.61
CA GLN A 364 1.64 14.20 -1.00
C GLN A 364 0.52 15.23 -1.19
N GLN A 365 0.61 16.35 -0.48
CA GLN A 365 -0.41 17.38 -0.59
C GLN A 365 -0.61 17.80 -2.05
N HIS A 366 -1.86 17.79 -2.51
CA HIS A 366 -2.22 18.16 -3.90
C HIS A 366 -1.79 17.08 -4.91
N GLY A 367 -1.65 15.85 -4.45
CA GLY A 367 -1.23 14.74 -5.30
C GLY A 367 -1.97 14.47 -6.61
N GLU A 368 -3.07 15.17 -6.87
CA GLU A 368 -3.83 14.99 -8.11
C GLU A 368 -3.20 15.77 -9.26
N GLN A 369 -2.50 16.85 -8.92
CA GLN A 369 -1.87 17.72 -9.91
C GLN A 369 -0.77 17.05 -10.77
N PRO A 370 0.28 16.48 -10.14
CA PRO A 370 1.31 15.85 -10.98
C PRO A 370 0.75 14.74 -11.89
N TYR A 371 -0.25 14.01 -11.41
CA TYR A 371 -0.86 12.95 -12.21
C TYR A 371 -1.65 13.51 -13.39
N TRP A 372 -2.33 14.64 -13.17
CA TRP A 372 -3.13 15.32 -14.18
C TRP A 372 -2.23 15.94 -15.25
N MET A 373 -1.29 16.78 -14.82
CA MET A 373 -0.36 17.47 -15.72
C MET A 373 0.50 16.52 -16.57
N ALA A 374 0.76 15.31 -16.06
CA ALA A 374 1.53 14.32 -16.81
C ALA A 374 0.75 13.90 -18.06
N ALA A 375 -0.54 13.59 -17.87
CA ALA A 375 -1.41 13.18 -18.96
C ALA A 375 -1.50 14.28 -20.02
N VAL A 376 -1.37 15.54 -19.60
CA VAL A 376 -1.42 16.69 -20.51
C VAL A 376 -0.18 16.72 -21.42
N LEU A 377 1.00 16.47 -20.84
CA LEU A 377 2.24 16.45 -21.61
C LEU A 377 2.15 15.34 -22.66
N ALA A 378 1.73 14.15 -22.23
CA ALA A 378 1.59 12.99 -23.13
C ALA A 378 0.65 13.30 -24.30
N THR A 379 -0.35 14.15 -24.08
CA THR A 379 -1.29 14.52 -25.13
C THR A 379 -0.63 15.49 -26.11
N MET A 380 0.09 16.46 -25.56
CA MET A 380 0.77 17.44 -26.40
C MET A 380 1.80 16.80 -27.36
N ILE A 381 2.34 15.64 -26.97
CA ILE A 381 3.29 14.90 -27.80
C ILE A 381 2.55 14.10 -28.88
N GLY A 382 1.37 13.58 -28.54
CA GLY A 382 0.55 12.86 -29.50
C GLY A 382 0.93 11.47 -29.96
N GLN A 383 1.62 10.71 -29.11
CA GLN A 383 2.03 9.36 -29.46
C GLN A 383 1.22 8.29 -28.72
N ILE A 384 0.10 8.72 -28.12
CA ILE A 384 -0.79 7.83 -27.37
C ILE A 384 -1.49 6.87 -28.33
N GLY A 385 -1.46 5.58 -28.00
CA GLY A 385 -2.11 4.59 -28.85
C GLY A 385 -1.16 3.77 -29.72
N LEU A 386 0.12 4.14 -29.72
CA LEU A 386 1.14 3.44 -30.49
C LEU A 386 1.95 2.52 -29.59
N PRO A 387 2.47 1.40 -30.14
CA PRO A 387 3.26 0.45 -29.37
C PRO A 387 4.59 1.07 -28.90
N GLY A 388 4.75 1.24 -27.60
CA GLY A 388 5.97 1.83 -27.10
C GLY A 388 5.91 3.34 -27.03
N GLY A 389 4.72 3.90 -27.12
CA GLY A 389 4.53 5.34 -27.04
C GLY A 389 3.40 5.67 -26.09
N GLY A 390 3.35 6.89 -25.59
CA GLY A 390 2.27 7.27 -24.67
C GLY A 390 2.65 7.29 -23.20
N ILE A 391 1.73 6.85 -22.34
CA ILE A 391 1.97 6.85 -20.90
C ILE A 391 1.40 5.64 -20.17
N SER A 392 2.13 5.21 -19.13
CA SER A 392 1.77 4.08 -18.28
C SER A 392 1.80 4.52 -16.82
N TYR A 393 0.93 3.92 -16.00
CA TYR A 393 0.87 4.24 -14.58
C TYR A 393 1.05 2.99 -13.71
N GLY A 394 1.52 1.87 -14.29
CA GLY A 394 1.68 0.68 -13.47
C GLY A 394 2.55 -0.51 -13.86
N HIS A 395 3.59 -0.31 -14.68
CA HIS A 395 4.48 -1.42 -15.07
C HIS A 395 5.38 -1.91 -13.91
N HIS A 396 5.18 -1.36 -12.72
CA HIS A 396 5.98 -1.73 -11.54
C HIS A 396 5.14 -2.56 -10.56
N TYR A 397 3.96 -3.01 -10.99
CA TYR A 397 3.04 -3.78 -10.15
C TYR A 397 2.60 -5.15 -10.69
N SER A 398 2.83 -6.19 -9.89
CA SER A 398 2.43 -7.57 -10.18
C SER A 398 2.60 -8.04 -11.63
N SER A 399 3.75 -7.74 -12.20
CA SER A 399 4.08 -8.13 -13.58
C SER A 399 3.10 -7.68 -14.67
N ILE A 400 2.61 -6.45 -14.59
CA ILE A 400 1.73 -5.93 -15.63
C ILE A 400 2.65 -5.75 -16.83
N GLY A 401 2.27 -6.34 -17.96
CA GLY A 401 3.09 -6.25 -19.15
C GLY A 401 3.33 -7.62 -19.76
N VAL A 402 3.16 -8.67 -18.95
CA VAL A 402 3.33 -10.02 -19.47
C VAL A 402 1.89 -10.47 -19.80
N PRO A 403 1.68 -10.96 -21.04
CA PRO A 403 0.36 -11.41 -21.50
C PRO A 403 -0.25 -12.61 -20.79
N SER A 404 -1.56 -12.50 -20.53
CA SER A 404 -2.35 -13.52 -19.84
C SER A 404 -2.60 -14.76 -20.71
N SER A 405 -2.93 -15.88 -20.06
CA SER A 405 -3.24 -17.11 -20.79
C SER A 405 -4.65 -16.98 -21.40
N GLY A 406 -5.51 -16.26 -20.71
CA GLY A 406 -6.88 -16.07 -21.17
C GLY A 406 -7.84 -16.98 -20.43
N ALA A 407 -7.36 -17.68 -19.40
CA ALA A 407 -8.20 -18.59 -18.61
C ALA A 407 -8.90 -17.94 -17.41
N ALA A 408 -10.02 -18.55 -16.99
CA ALA A 408 -10.79 -18.07 -15.85
C ALA A 408 -10.19 -18.57 -14.55
N ALA A 409 -10.02 -17.65 -13.60
CA ALA A 409 -9.46 -17.95 -12.27
C ALA A 409 -10.53 -18.48 -11.31
N PRO A 410 -10.13 -19.18 -10.24
CA PRO A 410 -11.07 -19.73 -9.25
C PRO A 410 -11.78 -18.67 -8.38
N GLY A 411 -12.96 -19.01 -7.87
CA GLY A 411 -13.71 -18.09 -7.03
C GLY A 411 -13.21 -18.02 -5.59
N ALA A 412 -13.94 -17.33 -4.72
CA ALA A 412 -13.54 -17.19 -3.32
C ALA A 412 -14.67 -17.39 -2.29
N PHE A 413 -14.30 -17.41 -1.01
CA PHE A 413 -15.26 -17.54 0.09
C PHE A 413 -16.02 -16.20 0.17
N PRO A 414 -17.34 -16.23 0.44
CA PRO A 414 -18.15 -15.01 0.53
C PRO A 414 -17.89 -14.08 1.73
N ARG A 415 -17.85 -12.77 1.47
CA ARG A 415 -17.64 -11.79 2.53
C ARG A 415 -18.93 -11.07 2.92
N ASN A 416 -20.05 -11.55 2.35
CA ASN A 416 -21.37 -10.99 2.62
C ASN A 416 -22.35 -12.11 2.99
N LEU A 417 -23.49 -11.73 3.54
CA LEU A 417 -24.52 -12.70 3.88
C LEU A 417 -25.11 -13.21 2.57
N ASP A 418 -25.65 -14.42 2.60
CA ASP A 418 -26.26 -15.02 1.42
C ASP A 418 -27.72 -14.58 1.41
N GLU A 419 -28.29 -14.43 0.21
CA GLU A 419 -29.68 -13.99 0.07
C GLU A 419 -30.68 -14.62 1.04
N ASN A 420 -30.34 -15.80 1.55
CA ASN A 420 -31.20 -16.52 2.47
C ASN A 420 -31.19 -16.12 3.95
N GLN A 421 -30.37 -15.15 4.34
CA GLN A 421 -30.32 -14.78 5.75
C GLN A 421 -30.32 -13.32 6.15
N LYS A 422 -30.63 -13.08 7.42
CA LYS A 422 -30.70 -11.75 8.02
C LYS A 422 -30.00 -11.73 9.39
N PRO A 423 -29.55 -10.53 9.82
CA PRO A 423 -28.86 -10.35 11.11
C PRO A 423 -29.82 -10.22 12.30
N LEU A 424 -29.28 -10.40 13.51
CA LEU A 424 -30.07 -10.31 14.74
C LEU A 424 -30.73 -8.95 14.91
N PHE A 425 -29.99 -7.89 14.61
CA PHE A 425 -30.51 -6.53 14.73
C PHE A 425 -31.06 -6.02 13.39
N ASP A 426 -30.19 -5.52 12.53
CA ASP A 426 -30.60 -5.00 11.21
C ASP A 426 -31.42 -3.72 11.30
N SER A 427 -30.72 -2.65 11.64
CA SER A 427 -31.27 -1.31 11.76
C SER A 427 -30.44 -0.52 10.75
N SER A 428 -31.05 0.51 10.16
CA SER A 428 -30.36 1.35 9.18
C SER A 428 -30.25 2.78 9.70
N ASP A 429 -30.54 2.97 10.98
CA ASP A 429 -30.49 4.29 11.57
C ASP A 429 -29.05 4.69 11.89
N PHE A 430 -28.53 5.65 11.14
CA PHE A 430 -27.18 6.15 11.33
C PHE A 430 -27.19 7.54 11.97
N LYS A 431 -28.36 7.96 12.46
CA LYS A 431 -28.53 9.25 13.13
C LYS A 431 -28.06 10.46 12.32
N GLY A 432 -28.31 10.45 11.01
CA GLY A 432 -27.93 11.58 10.17
C GLY A 432 -26.48 11.63 9.70
N ALA A 433 -25.73 10.57 9.95
CA ALA A 433 -24.33 10.50 9.54
C ALA A 433 -24.14 9.60 8.31
N SER A 434 -22.95 9.67 7.69
CA SER A 434 -22.64 8.87 6.51
C SER A 434 -22.25 7.44 6.88
N SER A 435 -22.74 6.48 6.12
CA SER A 435 -22.45 5.07 6.36
C SER A 435 -21.17 4.60 5.63
N THR A 436 -20.61 5.49 4.82
CA THR A 436 -19.37 5.20 4.08
C THR A 436 -18.54 6.48 4.10
N ILE A 437 -17.29 6.37 4.53
CA ILE A 437 -16.39 7.52 4.60
C ILE A 437 -15.06 7.32 3.83
N PRO A 438 -14.36 8.43 3.53
CA PRO A 438 -13.07 8.29 2.81
C PRO A 438 -12.11 7.58 3.77
N VAL A 439 -11.50 6.51 3.27
CA VAL A 439 -10.60 5.69 4.07
C VAL A 439 -9.67 6.38 5.10
N ALA A 440 -8.97 7.43 4.70
CA ALA A 440 -8.01 8.10 5.58
C ALA A 440 -8.51 9.13 6.59
N ARG A 441 -9.82 9.39 6.60
CA ARG A 441 -10.42 10.38 7.50
C ARG A 441 -10.96 9.79 8.83
N TRP A 442 -10.77 8.49 9.02
CA TRP A 442 -11.26 7.78 10.21
C TRP A 442 -10.87 8.33 11.58
N ILE A 443 -9.63 8.82 11.74
CA ILE A 443 -9.19 9.39 13.02
C ILE A 443 -9.87 10.75 13.24
N ASP A 444 -9.93 11.55 12.18
CA ASP A 444 -10.58 12.86 12.24
C ASP A 444 -12.05 12.72 12.68
N ALA A 445 -12.68 11.61 12.34
CA ALA A 445 -14.08 11.35 12.70
C ALA A 445 -14.23 10.98 14.19
N ILE A 446 -13.26 10.23 14.73
CA ILE A 446 -13.31 9.86 16.15
C ILE A 446 -13.13 11.11 16.98
N LEU A 447 -12.30 12.02 16.49
CA LEU A 447 -12.04 13.29 17.17
C LEU A 447 -13.18 14.30 17.14
N GLU A 448 -13.89 14.41 16.02
CA GLU A 448 -14.98 15.38 15.92
C GLU A 448 -16.22 14.89 15.15
N PRO A 449 -17.06 14.06 15.81
CA PRO A 449 -18.27 13.54 15.17
C PRO A 449 -19.26 14.67 14.89
N GLY A 450 -19.99 14.55 13.79
CA GLY A 450 -20.96 15.56 13.42
C GLY A 450 -20.44 16.69 12.56
N LYS A 451 -19.16 16.63 12.18
CA LYS A 451 -18.57 17.65 11.33
C LYS A 451 -18.87 17.38 9.85
N THR A 452 -18.99 18.45 9.06
CA THR A 452 -19.28 18.33 7.64
C THR A 452 -18.06 18.63 6.76
N ILE A 453 -17.77 17.71 5.85
CA ILE A 453 -16.61 17.81 4.98
C ILE A 453 -17.02 17.73 3.49
N ASP A 454 -16.20 18.31 2.60
CA ASP A 454 -16.43 18.27 1.15
C ASP A 454 -15.72 16.98 0.67
N ALA A 455 -16.28 16.29 -0.31
CA ALA A 455 -15.63 15.07 -0.78
C ALA A 455 -16.03 14.63 -2.19
N ASN A 456 -15.18 14.99 -3.16
CA ASN A 456 -15.39 14.65 -4.56
C ASN A 456 -16.80 14.94 -5.07
N GLY A 457 -17.24 16.17 -4.86
CA GLY A 457 -18.55 16.60 -5.33
C GLY A 457 -19.75 16.25 -4.46
N SER A 458 -19.50 15.92 -3.20
CA SER A 458 -20.58 15.57 -2.26
C SER A 458 -20.22 15.99 -0.84
N LYS A 459 -21.20 15.93 0.04
CA LYS A 459 -21.04 16.29 1.45
C LYS A 459 -20.95 15.01 2.29
N VAL A 460 -20.04 15.00 3.27
CA VAL A 460 -19.87 13.85 4.16
C VAL A 460 -19.99 14.29 5.63
N VAL A 461 -20.73 13.52 6.44
CA VAL A 461 -20.93 13.82 7.86
C VAL A 461 -20.32 12.68 8.70
N TYR A 462 -19.42 13.03 9.62
CA TYR A 462 -18.73 12.05 10.49
C TYR A 462 -19.58 11.41 11.60
N PRO A 463 -19.59 10.07 11.68
CA PRO A 463 -20.35 9.34 12.70
C PRO A 463 -19.67 9.29 14.07
N ASP A 464 -20.39 8.82 15.07
CA ASP A 464 -19.87 8.73 16.42
C ASP A 464 -19.46 7.29 16.70
N ILE A 465 -18.18 7.01 16.47
CA ILE A 465 -17.63 5.67 16.64
C ILE A 465 -17.21 5.38 18.08
N LYS A 466 -17.57 4.19 18.58
CA LYS A 466 -17.21 3.78 19.95
C LYS A 466 -16.37 2.49 19.98
N MET A 467 -16.56 1.64 18.97
CA MET A 467 -15.84 0.36 18.88
C MET A 467 -15.29 0.10 17.47
N MET A 468 -14.13 -0.57 17.39
CA MET A 468 -13.49 -0.89 16.10
C MET A 468 -12.87 -2.31 16.06
N ILE A 469 -12.96 -2.97 14.90
CA ILE A 469 -12.41 -4.33 14.71
C ILE A 469 -11.35 -4.41 13.58
N PHE A 470 -10.24 -5.11 13.84
CA PHE A 470 -9.14 -5.24 12.87
C PHE A 470 -8.71 -6.68 12.56
N SER A 471 -8.65 -7.02 11.27
CA SER A 471 -8.20 -8.35 10.81
C SER A 471 -7.63 -8.28 9.39
N GLY A 472 -6.36 -8.63 9.24
CA GLY A 472 -5.73 -8.58 7.94
C GLY A 472 -5.08 -7.24 7.61
N ASN A 473 -4.89 -6.40 8.63
CA ASN A 473 -4.26 -5.10 8.46
C ASN A 473 -3.58 -4.66 9.77
N ASN A 474 -2.68 -3.70 9.66
CA ASN A 474 -1.91 -3.19 10.80
C ASN A 474 -1.97 -1.65 10.84
N PRO A 475 -3.04 -1.10 11.44
CA PRO A 475 -3.29 0.34 11.59
C PRO A 475 -2.16 1.12 12.27
N TRP A 476 -1.49 0.50 13.24
CA TRP A 476 -0.38 1.15 13.93
C TRP A 476 0.96 1.03 13.18
N ASN A 477 0.85 1.01 11.86
CA ASN A 477 1.99 0.98 10.94
C ASN A 477 1.57 1.84 9.75
N HIS A 478 0.35 1.59 9.24
CA HIS A 478 -0.12 2.33 8.09
C HIS A 478 -0.61 3.78 8.26
N HIS A 479 -1.07 4.17 9.46
CA HIS A 479 -1.54 5.54 9.63
C HIS A 479 -0.47 6.53 10.12
N GLN A 480 -0.78 7.83 9.99
CA GLN A 480 0.15 8.89 10.39
C GLN A 480 -0.13 9.58 11.73
N ASP A 481 0.94 10.06 12.36
CA ASP A 481 0.92 10.78 13.63
C ASP A 481 0.55 9.92 14.85
N ARG A 482 1.53 9.17 15.36
CA ARG A 482 1.34 8.31 16.51
C ARG A 482 0.76 8.99 17.77
N ASN A 483 1.35 10.11 18.17
CA ASN A 483 0.88 10.82 19.35
C ASN A 483 -0.53 11.40 19.25
N ARG A 484 -0.99 11.65 18.03
CA ARG A 484 -2.35 12.17 17.85
C ARG A 484 -3.31 10.96 17.93
N MET A 485 -2.86 9.80 17.43
CA MET A 485 -3.66 8.57 17.46
C MET A 485 -3.90 8.13 18.92
N LYS A 486 -2.92 8.39 19.79
CA LYS A 486 -3.04 8.03 21.20
C LYS A 486 -4.18 8.79 21.88
N GLN A 487 -4.35 10.05 21.52
CA GLN A 487 -5.39 10.89 22.10
C GLN A 487 -6.78 10.49 21.61
N ALA A 488 -6.87 10.12 20.32
CA ALA A 488 -8.13 9.70 19.72
C ALA A 488 -8.61 8.37 20.31
N PHE A 489 -7.67 7.50 20.65
CA PHE A 489 -8.02 6.20 21.22
C PHE A 489 -8.63 6.27 22.62
N HIS A 490 -8.29 7.32 23.38
CA HIS A 490 -8.84 7.48 24.74
C HIS A 490 -10.36 7.48 24.73
N LYS A 491 -10.95 7.94 23.63
CA LYS A 491 -12.41 8.03 23.46
C LYS A 491 -13.12 6.76 23.00
N LEU A 492 -12.38 5.66 22.89
CA LEU A 492 -12.95 4.38 22.45
C LEU A 492 -13.26 3.44 23.61
N GLU A 493 -14.38 2.71 23.50
CA GLU A 493 -14.79 1.78 24.54
C GLU A 493 -14.26 0.35 24.37
N CYS A 494 -14.13 -0.12 23.13
CA CYS A 494 -13.65 -1.48 22.86
C CYS A 494 -12.93 -1.61 21.51
N VAL A 495 -11.87 -2.40 21.48
CA VAL A 495 -11.06 -2.63 20.27
C VAL A 495 -10.66 -4.12 20.24
N VAL A 496 -11.07 -4.83 19.18
CA VAL A 496 -10.75 -6.26 19.01
C VAL A 496 -9.82 -6.53 17.81
N THR A 497 -8.77 -7.33 18.01
CA THR A 497 -7.82 -7.67 16.93
C THR A 497 -7.43 -9.15 16.83
N VAL A 498 -7.39 -9.66 15.59
CA VAL A 498 -7.01 -11.04 15.27
C VAL A 498 -5.75 -10.94 14.41
N ASP A 499 -4.66 -11.60 14.82
CA ASP A 499 -3.39 -11.55 14.09
C ASP A 499 -2.55 -12.78 14.46
N VAL A 500 -1.49 -13.04 13.70
CA VAL A 500 -0.61 -14.18 13.96
C VAL A 500 0.49 -13.80 14.97
N ASN A 501 0.91 -12.54 14.96
CA ASN A 501 1.96 -12.07 15.87
C ASN A 501 1.49 -10.88 16.70
N TRP A 502 2.20 -10.61 17.80
CA TRP A 502 1.91 -9.51 18.71
C TRP A 502 2.40 -8.16 18.15
N THR A 503 1.66 -7.64 17.17
CA THR A 503 1.98 -6.38 16.52
C THR A 503 1.58 -5.18 17.39
N ALA A 504 1.98 -3.99 16.97
CA ALA A 504 1.66 -2.77 17.72
C ALA A 504 0.15 -2.59 17.87
N THR A 505 -0.61 -3.04 16.89
CA THR A 505 -2.06 -2.92 16.94
C THR A 505 -2.62 -3.77 18.09
N CYS A 506 -2.10 -5.00 18.24
CA CYS A 506 -2.53 -5.89 19.33
C CYS A 506 -2.15 -5.28 20.68
N ARG A 507 -0.98 -4.64 20.73
CA ARG A 507 -0.48 -3.99 21.96
C ARG A 507 -1.44 -2.89 22.45
N PHE A 508 -2.21 -2.33 21.53
CA PHE A 508 -3.16 -1.26 21.85
C PHE A 508 -4.65 -1.70 21.75
N SER A 509 -4.91 -2.98 22.00
CA SER A 509 -6.28 -3.52 21.93
C SER A 509 -6.82 -3.94 23.31
N ASP A 510 -8.04 -4.47 23.32
CA ASP A 510 -8.69 -4.92 24.54
C ASP A 510 -8.79 -6.45 24.60
N ILE A 511 -9.13 -7.07 23.46
CA ILE A 511 -9.24 -8.53 23.31
C ILE A 511 -8.39 -8.95 22.09
N VAL A 512 -7.62 -10.03 22.23
CA VAL A 512 -6.76 -10.50 21.14
C VAL A 512 -6.89 -12.01 20.85
N LEU A 513 -7.01 -12.37 19.57
CA LEU A 513 -7.16 -13.79 19.17
C LEU A 513 -6.07 -14.26 18.17
N PRO A 514 -5.42 -15.40 18.46
CA PRO A 514 -4.35 -16.05 17.66
C PRO A 514 -4.74 -16.87 16.42
N ALA A 515 -4.07 -16.59 15.30
CA ALA A 515 -4.31 -17.30 14.04
C ALA A 515 -3.00 -17.95 13.56
N CYS A 516 -3.12 -19.02 12.76
CA CYS A 516 -1.95 -19.73 12.23
C CYS A 516 -1.58 -19.22 10.82
N THR A 517 -0.36 -19.52 10.38
CA THR A 517 0.10 -19.08 9.07
C THR A 517 -0.47 -19.97 7.96
N THR A 518 -0.29 -19.55 6.72
CA THR A 518 -0.77 -20.29 5.56
C THR A 518 -0.11 -21.68 5.38
N TYR A 519 1.02 -21.88 6.06
CA TYR A 519 1.76 -23.16 5.99
C TYR A 519 1.27 -24.18 7.00
N GLU A 520 0.29 -23.78 7.82
CA GLU A 520 -0.28 -24.65 8.85
C GLU A 520 -1.73 -25.05 8.52
N ARG A 521 -2.12 -24.87 7.24
CA ARG A 521 -3.46 -25.19 6.75
C ARG A 521 -3.43 -25.45 5.22
N ASN A 522 -4.57 -25.83 4.65
CA ASN A 522 -4.67 -26.12 3.21
C ASN A 522 -5.50 -25.06 2.47
N ASP A 523 -5.10 -24.70 1.25
CA ASP A 523 -5.80 -23.70 0.45
C ASP A 523 -5.53 -23.84 -1.07
N ILE A 524 -5.99 -22.85 -1.85
CA ILE A 524 -5.84 -22.83 -3.32
C ILE A 524 -5.62 -21.38 -3.78
N ASP A 525 -4.86 -21.18 -4.87
CA ASP A 525 -4.56 -19.83 -5.37
C ASP A 525 -4.12 -19.82 -6.85
N VAL A 526 -4.28 -18.68 -7.53
CA VAL A 526 -3.86 -18.56 -8.94
C VAL A 526 -2.39 -18.12 -9.04
N TYR A 527 -1.73 -18.52 -10.13
CA TYR A 527 -0.32 -18.17 -10.34
C TYR A 527 -0.19 -16.91 -11.21
N GLY A 528 0.19 -15.80 -10.59
CA GLY A 528 0.33 -14.55 -11.31
C GLY A 528 -0.99 -13.82 -11.40
N ALA A 529 -1.07 -12.66 -10.75
CA ALA A 529 -2.29 -11.85 -10.75
C ALA A 529 -2.77 -11.41 -12.13
N TYR A 530 -1.84 -11.10 -13.02
CA TYR A 530 -2.19 -10.67 -14.38
C TYR A 530 -1.82 -11.71 -15.44
N ALA A 531 -0.89 -12.61 -15.13
CA ALA A 531 -0.45 -13.64 -16.07
C ALA A 531 -1.45 -14.79 -16.22
N ASN A 532 -2.06 -15.20 -15.11
CA ASN A 532 -3.02 -16.32 -15.07
C ASN A 532 -2.38 -17.54 -15.72
N ARG A 533 -1.12 -17.77 -15.36
CA ARG A 533 -0.30 -18.87 -15.89
C ARG A 533 -0.84 -20.27 -15.52
N GLY A 534 -1.45 -20.40 -14.35
CA GLY A 534 -2.00 -21.67 -13.90
C GLY A 534 -2.69 -21.57 -12.54
N ILE A 535 -2.79 -22.71 -11.84
CA ILE A 535 -3.41 -22.78 -10.50
C ILE A 535 -2.53 -23.67 -9.61
N LEU A 536 -2.17 -23.16 -8.43
CA LEU A 536 -1.32 -23.86 -7.46
C LEU A 536 -2.09 -24.50 -6.31
N ALA A 537 -1.40 -25.35 -5.55
CA ALA A 537 -1.98 -25.99 -4.37
C ALA A 537 -1.19 -25.59 -3.14
N MET A 538 -1.87 -25.10 -2.11
CA MET A 538 -1.22 -24.69 -0.87
C MET A 538 -1.46 -25.81 0.15
N GLN A 539 -0.47 -26.68 0.32
CA GLN A 539 -0.55 -27.84 1.21
C GLN A 539 -0.04 -27.63 2.64
N LYS A 540 -0.73 -28.25 3.60
CA LYS A 540 -0.40 -28.18 5.01
C LYS A 540 0.93 -28.86 5.30
N MET A 541 1.84 -28.14 5.94
CA MET A 541 3.18 -28.64 6.26
C MET A 541 3.31 -29.23 7.68
N VAL A 542 2.83 -28.49 8.67
CA VAL A 542 2.91 -28.90 10.08
C VAL A 542 1.62 -28.52 10.84
N GLU A 543 1.48 -28.99 12.07
CA GLU A 543 0.30 -28.68 12.87
C GLU A 543 0.35 -27.23 13.38
N PRO A 544 -0.82 -26.56 13.48
CA PRO A 544 -0.89 -25.17 13.96
C PRO A 544 -0.20 -25.11 15.33
N LEU A 545 0.66 -24.12 15.54
CA LEU A 545 1.40 -23.99 16.80
C LEU A 545 0.58 -23.41 17.95
N PHE A 546 0.93 -23.81 19.18
CA PHE A 546 0.28 -23.34 20.41
C PHE A 546 -1.25 -23.48 20.39
N ASP A 547 -1.96 -22.47 20.86
CA ASP A 547 -3.42 -22.52 20.87
C ASP A 547 -4.04 -21.79 19.66
N SER A 548 -3.23 -21.51 18.63
CA SER A 548 -3.72 -20.81 17.43
C SER A 548 -4.68 -21.61 16.54
N LEU A 549 -5.54 -20.91 15.82
CA LEU A 549 -6.51 -21.55 14.92
C LEU A 549 -6.61 -20.84 13.57
N SER A 550 -7.10 -21.57 12.56
CA SER A 550 -7.27 -21.03 11.23
C SER A 550 -8.42 -20.03 11.28
N ASP A 551 -8.40 -19.03 10.40
CA ASP A 551 -9.45 -18.03 10.38
C ASP A 551 -10.85 -18.63 10.11
N PHE A 552 -10.90 -19.76 9.40
CA PHE A 552 -12.18 -20.41 9.13
C PHE A 552 -12.74 -20.89 10.47
N GLU A 553 -11.91 -21.61 11.21
CA GLU A 553 -12.25 -22.17 12.53
C GLU A 553 -12.67 -21.10 13.56
N ILE A 554 -11.91 -20.01 13.62
CA ILE A 554 -12.19 -18.93 14.55
C ILE A 554 -13.62 -18.41 14.41
N PHE A 555 -14.00 -18.05 13.19
CA PHE A 555 -15.33 -17.50 12.99
C PHE A 555 -16.51 -18.46 12.86
N THR A 556 -16.22 -19.75 12.78
CA THR A 556 -17.26 -20.78 12.74
C THR A 556 -17.72 -20.99 14.19
N ARG A 557 -16.77 -20.91 15.12
CA ARG A 557 -17.07 -21.05 16.53
C ARG A 557 -17.91 -19.84 16.98
N PHE A 558 -17.58 -18.67 16.44
CA PHE A 558 -18.32 -17.44 16.75
C PHE A 558 -19.77 -17.60 16.26
N ALA A 559 -19.93 -18.16 15.06
CA ALA A 559 -21.25 -18.37 14.49
C ALA A 559 -22.05 -19.33 15.36
N ALA A 560 -21.37 -20.27 16.00
CA ALA A 560 -22.04 -21.23 16.88
C ALA A 560 -22.67 -20.51 18.05
N VAL A 561 -21.96 -19.52 18.60
CA VAL A 561 -22.47 -18.75 19.72
C VAL A 561 -23.78 -18.06 19.32
N LEU A 562 -23.84 -17.58 18.09
CA LEU A 562 -25.02 -16.90 17.56
C LEU A 562 -26.11 -17.90 17.18
N GLY A 563 -25.78 -19.19 17.27
CA GLY A 563 -26.72 -20.24 16.93
C GLY A 563 -26.91 -20.43 15.44
N LYS A 564 -25.98 -19.92 14.63
CA LYS A 564 -26.06 -20.04 13.18
C LYS A 564 -24.76 -20.58 12.55
N GLU A 565 -24.38 -21.78 12.95
CA GLU A 565 -23.16 -22.45 12.47
C GLU A 565 -23.28 -22.98 11.04
N LYS A 566 -24.26 -23.85 10.80
CA LYS A 566 -24.48 -24.45 9.49
C LYS A 566 -24.66 -23.42 8.36
N GLU A 567 -25.48 -22.40 8.62
CA GLU A 567 -25.74 -21.33 7.66
C GLU A 567 -24.44 -20.65 7.25
N TYR A 568 -23.58 -20.41 8.23
CA TYR A 568 -22.31 -19.77 7.98
C TYR A 568 -21.43 -20.56 7.01
N THR A 569 -21.16 -21.81 7.38
CA THR A 569 -20.31 -22.72 6.60
C THR A 569 -20.95 -23.37 5.37
N ARG A 570 -22.25 -23.18 5.19
CA ARG A 570 -23.00 -23.79 4.08
C ARG A 570 -22.98 -25.31 4.23
N ASN A 571 -22.63 -25.77 5.44
CA ASN A 571 -22.59 -27.19 5.77
C ASN A 571 -21.46 -27.96 5.05
N MET A 572 -20.27 -27.37 5.00
CA MET A 572 -19.11 -27.99 4.34
C MET A 572 -17.83 -27.76 5.13
N GLY A 573 -16.86 -28.67 4.97
CA GLY A 573 -15.58 -28.55 5.66
C GLY A 573 -14.48 -27.98 4.77
N GLU A 574 -13.24 -27.98 5.26
CA GLU A 574 -12.09 -27.43 4.52
C GLU A 574 -11.92 -27.98 3.10
N MET A 575 -11.74 -29.29 2.99
CA MET A 575 -11.52 -29.93 1.70
C MET A 575 -12.75 -29.90 0.78
N GLU A 576 -13.93 -29.96 1.37
CA GLU A 576 -15.17 -29.92 0.59
C GLU A 576 -15.26 -28.54 -0.09
N TRP A 577 -14.87 -27.49 0.64
CA TRP A 577 -14.90 -26.13 0.11
C TRP A 577 -13.91 -25.99 -1.05
N LEU A 578 -12.68 -26.45 -0.84
CA LEU A 578 -11.62 -26.38 -1.86
C LEU A 578 -12.01 -27.14 -3.13
N GLU A 579 -12.60 -28.33 -2.97
CA GLU A 579 -13.03 -29.16 -4.10
C GLU A 579 -14.13 -28.48 -4.90
N THR A 580 -15.01 -27.79 -4.20
CA THR A 580 -16.13 -27.05 -4.80
C THR A 580 -15.63 -25.89 -5.66
N LEU A 581 -14.56 -25.22 -5.21
CA LEU A 581 -14.00 -24.08 -5.94
C LEU A 581 -13.19 -24.51 -7.18
N TYR A 582 -12.55 -25.67 -7.12
CA TYR A 582 -11.78 -26.18 -8.25
C TYR A 582 -12.74 -26.61 -9.37
N ASN A 583 -13.73 -27.42 -9.01
CA ASN A 583 -14.72 -27.90 -9.98
C ASN A 583 -15.42 -26.78 -10.73
N GLU A 584 -15.75 -25.69 -10.03
CA GLU A 584 -16.40 -24.56 -10.68
C GLU A 584 -15.48 -23.88 -11.70
N CYS A 585 -14.19 -23.80 -11.37
CA CYS A 585 -13.20 -23.19 -12.27
C CYS A 585 -13.06 -24.04 -13.53
N LYS A 586 -13.01 -25.36 -13.34
CA LYS A 586 -12.88 -26.29 -14.46
C LYS A 586 -14.11 -26.21 -15.38
N ALA A 587 -15.26 -25.89 -14.80
CA ALA A 587 -16.50 -25.78 -15.56
C ALA A 587 -16.42 -24.62 -16.54
N ALA A 588 -15.99 -23.46 -16.05
CA ALA A 588 -15.88 -22.27 -16.88
C ALA A 588 -14.87 -22.43 -18.00
N ASN A 589 -13.72 -23.02 -17.69
CA ASN A 589 -12.67 -23.20 -18.68
C ASN A 589 -12.87 -24.37 -19.64
N ALA A 590 -13.96 -25.12 -19.46
CA ALA A 590 -14.26 -26.28 -20.30
C ALA A 590 -14.02 -26.09 -21.80
N GLY A 591 -14.41 -24.94 -22.32
CA GLY A 591 -14.26 -24.66 -23.74
C GLY A 591 -12.86 -24.53 -24.32
N LYS A 592 -11.95 -23.87 -23.61
CA LYS A 592 -10.59 -23.64 -24.13
C LYS A 592 -9.40 -24.31 -23.43
N PHE A 593 -9.56 -24.75 -22.18
CA PHE A 593 -8.46 -25.38 -21.43
C PHE A 593 -8.90 -26.70 -20.82
N GLU A 594 -8.05 -27.71 -20.93
CA GLU A 594 -8.35 -29.02 -20.37
C GLU A 594 -7.85 -29.04 -18.93
N MET A 595 -8.53 -29.82 -18.10
CA MET A 595 -8.18 -29.96 -16.68
C MET A 595 -8.59 -31.34 -16.19
N PRO A 596 -7.76 -31.98 -15.35
CA PRO A 596 -8.04 -33.32 -14.78
C PRO A 596 -8.96 -33.20 -13.55
N ASP A 597 -9.22 -34.29 -12.85
CA ASP A 597 -10.08 -34.23 -11.67
C ASP A 597 -9.32 -33.80 -10.41
N PHE A 598 -10.05 -33.27 -9.43
CA PHE A 598 -9.46 -32.79 -8.19
C PHE A 598 -8.43 -33.73 -7.57
N ALA A 599 -8.78 -35.01 -7.44
CA ALA A 599 -7.86 -35.98 -6.86
C ALA A 599 -6.49 -35.97 -7.55
N THR A 600 -6.49 -35.95 -8.88
CA THR A 600 -5.24 -35.92 -9.65
C THR A 600 -4.52 -34.58 -9.43
N PHE A 601 -5.27 -33.49 -9.53
CA PHE A 601 -4.71 -32.15 -9.33
C PHE A 601 -3.94 -32.05 -8.00
N TRP A 602 -4.57 -32.47 -6.91
CA TRP A 602 -3.94 -32.38 -5.60
C TRP A 602 -2.61 -33.16 -5.54
N LYS A 603 -2.56 -34.33 -6.15
CA LYS A 603 -1.34 -35.14 -6.16
C LYS A 603 -0.20 -34.45 -6.92
N GLN A 604 -0.54 -33.83 -8.04
CA GLN A 604 0.44 -33.11 -8.88
C GLN A 604 0.91 -31.86 -8.16
N GLY A 605 -0.04 -31.09 -7.64
CA GLY A 605 0.27 -29.86 -6.95
C GLY A 605 0.23 -28.63 -7.85
N TYR A 606 -0.03 -28.83 -9.14
CA TYR A 606 -0.07 -27.74 -10.12
C TYR A 606 -0.79 -28.13 -11.41
N VAL A 607 -1.45 -27.16 -12.04
CA VAL A 607 -2.15 -27.36 -13.32
C VAL A 607 -1.85 -26.14 -14.23
N HIS A 608 -1.17 -26.41 -15.34
CA HIS A 608 -0.74 -25.36 -16.29
C HIS A 608 -1.78 -24.82 -17.28
N PHE A 609 -1.69 -23.54 -17.60
CA PHE A 609 -2.59 -22.90 -18.59
C PHE A 609 -1.87 -22.52 -19.89
N GLY A 610 -0.96 -21.55 -19.86
CA GLY A 610 -0.26 -21.19 -21.08
C GLY A 610 0.19 -19.75 -21.25
N ASP A 611 0.65 -19.43 -22.46
CA ASP A 611 1.13 -18.09 -22.80
C ASP A 611 0.10 -17.34 -23.64
N GLY A 612 0.28 -16.02 -23.76
CA GLY A 612 -0.66 -15.21 -24.53
C GLY A 612 -0.01 -14.45 -25.69
N GLU A 613 -0.79 -13.57 -26.31
CA GLU A 613 -0.33 -12.76 -27.44
C GLU A 613 -0.21 -11.28 -27.01
N VAL A 614 0.70 -10.54 -27.65
CA VAL A 614 0.92 -9.13 -27.34
C VAL A 614 -0.28 -8.23 -27.59
N TRP A 615 -0.30 -7.07 -26.94
CA TRP A 615 -1.40 -6.11 -27.03
C TRP A 615 -0.93 -4.67 -26.74
N THR A 616 -1.59 -3.69 -27.37
CA THR A 616 -1.25 -2.28 -27.21
C THR A 616 -2.37 -1.57 -26.47
N ARG A 617 -1.99 -0.84 -25.41
CA ARG A 617 -2.92 -0.13 -24.54
C ARG A 617 -4.07 0.70 -25.14
N HIS A 618 -3.78 1.84 -25.77
CA HIS A 618 -4.87 2.68 -26.32
C HIS A 618 -5.08 2.66 -27.83
N ALA A 619 -4.71 1.57 -28.49
CA ALA A 619 -4.83 1.48 -29.95
C ALA A 619 -6.23 1.66 -30.52
N ASP A 620 -7.26 1.15 -29.85
CA ASP A 620 -8.63 1.29 -30.36
C ASP A 620 -9.09 2.75 -30.48
N PHE A 621 -8.98 3.51 -29.40
CA PHE A 621 -9.39 4.91 -29.39
C PHE A 621 -8.64 5.71 -30.47
N ARG A 622 -7.41 5.28 -30.74
CA ARG A 622 -6.56 5.91 -31.74
C ARG A 622 -7.05 5.64 -33.16
N ASN A 623 -7.44 4.40 -33.41
CA ASN A 623 -7.91 3.99 -34.73
C ASN A 623 -9.19 4.72 -35.15
N ASP A 624 -10.12 4.87 -34.22
CA ASP A 624 -11.37 5.58 -34.49
C ASP A 624 -12.04 5.93 -33.16
N PRO A 625 -11.88 7.18 -32.71
CA PRO A 625 -12.45 7.67 -31.46
C PRO A 625 -13.98 7.80 -31.46
N GLU A 626 -14.58 7.63 -32.64
CA GLU A 626 -16.03 7.72 -32.77
C GLU A 626 -16.61 6.38 -32.41
N ILE A 627 -15.89 5.32 -32.79
CA ILE A 627 -16.30 3.96 -32.51
C ILE A 627 -15.87 3.53 -31.12
N ASN A 628 -14.64 3.93 -30.72
CA ASN A 628 -14.09 3.56 -29.42
C ASN A 628 -13.76 4.73 -28.48
N PRO A 629 -14.78 5.46 -28.01
CA PRO A 629 -14.51 6.59 -27.11
C PRO A 629 -14.04 6.17 -25.71
N LEU A 630 -13.59 7.15 -24.93
CA LEU A 630 -13.13 6.93 -23.55
C LEU A 630 -14.32 7.12 -22.62
N GLY A 631 -14.14 6.73 -21.37
CA GLY A 631 -15.21 6.86 -20.39
C GLY A 631 -15.42 8.26 -19.81
N THR A 632 -14.79 9.28 -20.38
CA THR A 632 -14.98 10.64 -19.88
C THR A 632 -16.36 11.14 -20.33
N PRO A 633 -16.85 12.25 -19.74
CA PRO A 633 -18.15 12.80 -20.13
C PRO A 633 -18.33 13.09 -21.63
N SER A 634 -17.25 13.51 -22.31
CA SER A 634 -17.35 13.83 -23.74
C SER A 634 -16.85 12.72 -24.67
N GLY A 635 -16.07 11.78 -24.13
CA GLY A 635 -15.52 10.69 -24.92
C GLY A 635 -14.12 10.97 -25.42
N LEU A 636 -13.58 12.13 -25.05
CA LEU A 636 -12.23 12.54 -25.46
C LEU A 636 -11.36 12.76 -24.22
N ILE A 637 -10.13 13.20 -24.41
CA ILE A 637 -9.23 13.48 -23.29
C ILE A 637 -9.56 14.89 -22.83
N GLU A 638 -9.78 15.07 -21.53
CA GLU A 638 -10.15 16.38 -21.04
C GLU A 638 -9.05 17.13 -20.30
N ILE A 639 -8.42 18.07 -21.01
CA ILE A 639 -7.36 18.92 -20.46
C ILE A 639 -8.02 19.93 -19.50
N PHE A 640 -9.32 20.15 -19.70
CA PHE A 640 -10.11 21.06 -18.87
C PHE A 640 -11.46 20.40 -18.64
N SER A 641 -11.83 20.17 -17.38
CA SER A 641 -13.12 19.57 -17.11
C SER A 641 -14.14 20.55 -16.53
N ARG A 642 -15.25 20.68 -17.25
CA ARG A 642 -16.38 21.55 -16.88
C ARG A 642 -16.94 21.09 -15.52
N LYS A 643 -17.12 19.78 -15.40
CA LYS A 643 -17.64 19.11 -14.21
C LYS A 643 -16.93 19.53 -12.93
N ILE A 644 -15.62 19.33 -12.86
CA ILE A 644 -14.85 19.71 -11.68
C ILE A 644 -14.89 21.22 -11.38
N ASP A 645 -14.78 22.03 -12.44
CA ASP A 645 -14.80 23.48 -12.29
C ASP A 645 -16.07 23.96 -11.57
N GLN A 646 -17.16 23.25 -11.80
CA GLN A 646 -18.47 23.57 -11.21
C GLN A 646 -18.52 23.39 -9.68
N PHE A 647 -17.63 22.57 -9.13
CA PHE A 647 -17.59 22.31 -7.68
C PHE A 647 -17.16 23.55 -6.89
N GLY A 648 -16.32 24.38 -7.50
CA GLY A 648 -15.83 25.58 -6.84
C GLY A 648 -14.81 25.34 -5.74
N TYR A 649 -14.09 24.22 -5.80
CA TYR A 649 -13.10 23.92 -4.77
C TYR A 649 -11.86 24.81 -4.92
N ASP A 650 -11.33 25.32 -3.82
CA ASP A 650 -10.15 26.18 -3.88
C ASP A 650 -8.82 25.47 -4.19
N ASP A 651 -8.68 24.22 -3.74
CA ASP A 651 -7.45 23.47 -3.96
C ASP A 651 -7.43 22.42 -5.08
N CYS A 652 -8.31 22.59 -6.07
CA CYS A 652 -8.41 21.71 -7.24
C CYS A 652 -9.47 22.34 -8.15
N LYS A 653 -9.01 22.98 -9.23
CA LYS A 653 -9.91 23.68 -10.15
C LYS A 653 -10.08 23.02 -11.52
N GLY A 654 -10.54 23.80 -12.50
CA GLY A 654 -10.77 23.29 -13.85
C GLY A 654 -9.60 22.71 -14.62
N HIS A 655 -8.37 23.14 -14.30
CA HIS A 655 -7.15 22.64 -14.97
C HIS A 655 -5.98 22.63 -14.00
N PRO A 656 -4.87 21.95 -14.37
CA PRO A 656 -3.69 21.87 -13.49
C PRO A 656 -3.06 23.22 -13.13
N THR A 657 -2.67 23.36 -11.86
CA THR A 657 -2.04 24.59 -11.34
C THR A 657 -0.97 24.24 -10.31
N TRP A 658 -0.14 25.23 -9.99
CA TRP A 658 0.91 25.05 -9.00
C TRP A 658 0.46 25.75 -7.73
N MET A 659 0.48 25.00 -6.63
CA MET A 659 0.07 25.51 -5.33
C MET A 659 1.14 25.09 -4.32
N GLU A 660 1.54 26.03 -3.47
CA GLU A 660 2.56 25.78 -2.43
C GLU A 660 2.06 24.87 -1.30
N LYS A 661 2.98 24.06 -0.74
CA LYS A 661 2.65 23.13 0.34
C LYS A 661 2.91 23.70 1.75
N THR A 662 2.38 23.01 2.77
CA THR A 662 2.52 23.40 4.19
C THR A 662 3.93 23.24 4.81
N GLU A 663 4.63 22.16 4.43
CA GLU A 663 5.98 21.91 4.92
C GLU A 663 6.80 21.46 3.71
N ARG A 664 7.80 22.24 3.32
CA ARG A 664 8.63 21.93 2.15
C ARG A 664 10.10 22.27 2.38
N SER A 665 10.99 21.43 1.86
CA SER A 665 12.42 21.64 2.03
C SER A 665 13.07 22.46 0.93
N HIS A 666 14.37 22.71 1.08
CA HIS A 666 15.16 23.46 0.12
C HIS A 666 14.54 24.83 -0.18
N GLY A 667 14.20 25.56 0.87
CA GLY A 667 13.63 26.89 0.71
C GLY A 667 12.11 26.99 0.85
N GLY A 668 11.45 25.87 1.08
CA GLY A 668 10.00 25.88 1.23
C GLY A 668 9.59 26.31 2.63
N PRO A 669 8.30 26.59 2.86
CA PRO A 669 7.86 27.00 4.20
C PRO A 669 8.20 26.01 5.33
N GLY A 670 8.87 26.51 6.36
CA GLY A 670 9.21 25.68 7.50
C GLY A 670 10.63 25.14 7.55
N SER A 671 11.40 25.33 6.49
CA SER A 671 12.78 24.84 6.43
C SER A 671 13.79 25.59 7.32
N ASP A 672 13.36 26.69 7.93
CA ASP A 672 14.25 27.46 8.80
C ASP A 672 14.48 26.78 10.15
N LYS A 673 13.46 26.07 10.64
CA LYS A 673 13.53 25.37 11.93
C LYS A 673 13.75 23.86 11.77
N HIS A 674 13.21 23.29 10.70
CA HIS A 674 13.33 21.86 10.42
C HIS A 674 13.68 21.73 8.92
N PRO A 675 14.98 21.74 8.60
CA PRO A 675 15.54 21.65 7.23
C PRO A 675 15.53 20.34 6.42
N ILE A 676 15.42 19.18 7.08
CA ILE A 676 15.47 17.88 6.38
C ILE A 676 14.14 17.27 5.92
N TRP A 677 14.18 16.66 4.73
CA TRP A 677 13.00 15.99 4.15
C TRP A 677 13.04 14.52 4.56
N LEU A 678 11.90 13.99 4.97
CA LEU A 678 11.82 12.59 5.37
C LEU A 678 10.95 11.78 4.41
N GLN A 679 11.58 10.81 3.75
CA GLN A 679 10.87 9.93 2.84
C GLN A 679 10.84 8.55 3.50
N SER A 680 9.66 7.94 3.55
CA SER A 680 9.49 6.63 4.16
C SER A 680 9.10 5.58 3.12
N CYS A 681 9.92 5.53 2.07
CA CYS A 681 9.72 4.61 0.95
C CYS A 681 9.63 3.12 1.35
N HIS A 682 8.84 2.36 0.60
CA HIS A 682 8.65 0.93 0.85
C HIS A 682 9.96 0.17 1.02
N PRO A 683 9.99 -0.84 1.93
CA PRO A 683 11.18 -1.66 2.22
C PRO A 683 11.67 -2.67 1.16
N ASP A 684 12.99 -2.87 1.11
CA ASP A 684 13.62 -3.80 0.16
C ASP A 684 13.68 -5.22 0.72
N LYS A 685 13.69 -5.35 2.05
CA LYS A 685 13.75 -6.67 2.71
C LYS A 685 12.55 -7.03 3.58
N ARG A 686 11.39 -6.45 3.26
CA ARG A 686 10.13 -6.72 3.99
C ARG A 686 8.96 -6.43 3.06
N LEU A 687 7.77 -6.85 3.48
CA LEU A 687 6.54 -6.58 2.76
C LEU A 687 5.75 -5.75 3.77
N HIS A 688 6.00 -4.44 3.74
CA HIS A 688 5.36 -3.51 4.68
C HIS A 688 5.92 -3.85 6.06
N SER A 689 5.11 -4.32 6.99
CA SER A 689 5.61 -4.69 8.32
C SER A 689 5.85 -6.20 8.39
N GLN A 690 5.21 -6.94 7.48
CA GLN A 690 5.38 -8.40 7.42
C GLN A 690 6.83 -8.81 7.10
N MET A 691 7.39 -9.60 8.01
CA MET A 691 8.76 -10.15 7.98
C MET A 691 9.77 -9.41 8.90
N CYS A 692 9.34 -8.32 9.53
CA CYS A 692 10.20 -7.59 10.48
C CYS A 692 10.42 -8.48 11.71
N GLU A 693 9.55 -9.46 11.91
CA GLU A 693 9.65 -10.38 13.05
C GLU A 693 10.67 -11.52 12.86
N SER A 694 11.12 -11.75 11.63
CA SER A 694 12.09 -12.80 11.33
C SER A 694 13.47 -12.45 11.89
N ARG A 695 13.74 -12.93 13.10
CA ARG A 695 14.98 -12.68 13.82
C ARG A 695 16.31 -12.63 13.04
N GLU A 696 16.87 -13.81 12.73
CA GLU A 696 18.14 -13.96 12.00
C GLU A 696 18.27 -13.11 10.74
N TYR A 697 17.23 -13.14 9.91
CA TYR A 697 17.22 -12.36 8.69
C TYR A 697 17.29 -10.86 8.99
N ARG A 698 16.51 -10.38 9.95
CA ARG A 698 16.51 -8.96 10.32
C ARG A 698 17.88 -8.48 10.77
N GLU A 699 18.58 -9.30 11.55
CA GLU A 699 19.91 -8.95 12.05
C GLU A 699 20.96 -8.72 10.97
N THR A 700 20.57 -8.91 9.70
CA THR A 700 21.50 -8.68 8.59
C THR A 700 21.50 -7.23 8.11
N TYR A 701 20.46 -6.47 8.46
CA TYR A 701 20.37 -5.06 8.07
C TYR A 701 20.20 -4.08 9.24
N ALA A 702 19.94 -4.61 10.42
CA ALA A 702 19.77 -3.79 11.62
C ALA A 702 21.13 -3.24 12.01
N VAL A 703 21.13 -2.05 12.61
CA VAL A 703 22.36 -1.35 13.02
C VAL A 703 22.25 -0.97 14.49
N ASN A 704 23.21 -1.45 15.30
CA ASN A 704 23.27 -1.17 16.74
C ASN A 704 21.94 -1.45 17.44
N GLY A 705 21.21 -2.45 16.96
CA GLY A 705 19.92 -2.79 17.54
C GLY A 705 18.73 -2.01 17.00
N ARG A 706 18.99 -0.93 16.26
CA ARG A 706 17.95 -0.09 15.68
C ARG A 706 17.76 -0.30 14.17
N GLU A 707 16.77 0.40 13.61
CA GLU A 707 16.49 0.37 12.17
C GLU A 707 17.41 1.42 11.56
N PRO A 708 17.95 1.16 10.35
CA PRO A 708 18.85 2.11 9.71
C PRO A 708 18.26 3.38 9.08
N VAL A 709 18.97 4.49 9.27
CA VAL A 709 18.60 5.78 8.68
C VAL A 709 19.71 6.04 7.66
N TYR A 710 19.34 6.38 6.43
CA TYR A 710 20.32 6.66 5.40
C TYR A 710 20.58 8.17 5.33
N ILE A 711 21.83 8.55 5.64
CA ILE A 711 22.28 9.95 5.72
C ILE A 711 23.43 10.36 4.75
N SER A 712 23.38 11.59 4.24
CA SER A 712 24.39 12.09 3.32
C SER A 712 25.66 12.59 4.03
N PRO A 713 26.83 12.41 3.39
CA PRO A 713 28.13 12.83 3.93
C PRO A 713 28.16 14.26 4.49
N VAL A 714 27.74 15.25 3.70
CA VAL A 714 27.72 16.65 4.14
C VAL A 714 26.94 16.88 5.46
N ASP A 715 25.70 16.41 5.53
CA ASP A 715 24.87 16.58 6.72
C ASP A 715 25.40 15.81 7.93
N ALA A 716 25.96 14.62 7.67
CA ALA A 716 26.50 13.80 8.75
C ALA A 716 27.68 14.51 9.41
N LYS A 717 28.57 15.08 8.60
CA LYS A 717 29.75 15.81 9.07
C LYS A 717 29.37 16.99 9.95
N ALA A 718 28.40 17.77 9.49
CA ALA A 718 27.94 18.96 10.23
C ALA A 718 27.41 18.68 11.64
N ARG A 719 27.07 17.43 11.93
CA ARG A 719 26.55 17.03 13.23
C ARG A 719 27.47 16.06 13.98
N GLY A 720 28.64 15.79 13.40
CA GLY A 720 29.61 14.89 14.04
C GLY A 720 29.20 13.43 14.13
N ILE A 721 28.37 12.98 13.19
CA ILE A 721 27.85 11.61 13.12
C ILE A 721 28.71 10.66 12.24
N LYS A 722 28.87 9.42 12.70
CA LYS A 722 29.64 8.38 11.99
C LYS A 722 28.78 7.12 11.87
N ASP A 723 29.20 6.19 11.02
CA ASP A 723 28.49 4.92 10.78
C ASP A 723 28.37 4.12 12.07
N GLY A 724 27.17 3.62 12.36
CA GLY A 724 26.98 2.83 13.56
C GLY A 724 26.46 3.59 14.77
N ASP A 725 26.53 4.92 14.73
CA ASP A 725 26.05 5.75 15.82
C ASP A 725 24.53 5.72 15.92
N ILE A 726 24.03 5.76 17.15
CA ILE A 726 22.59 5.79 17.37
C ILE A 726 22.22 7.27 17.19
N VAL A 727 21.23 7.53 16.34
CA VAL A 727 20.75 8.88 16.03
C VAL A 727 19.33 9.12 16.55
N ARG A 728 19.00 10.39 16.81
CA ARG A 728 17.66 10.75 17.27
C ARG A 728 17.02 11.72 16.28
N VAL A 729 15.94 11.28 15.64
CA VAL A 729 15.22 12.09 14.64
C VAL A 729 13.96 12.65 15.33
N PHE A 730 13.67 13.93 15.11
CA PHE A 730 12.53 14.53 15.78
C PHE A 730 11.97 15.78 15.10
N ASN A 731 10.85 16.27 15.64
CA ASN A 731 10.16 17.49 15.22
C ASN A 731 9.15 17.86 16.31
N ASP A 732 8.30 18.86 16.09
CA ASP A 732 7.34 19.27 17.12
C ASP A 732 6.19 18.30 17.38
N ARG A 733 6.17 17.15 16.71
CA ARG A 733 5.09 16.21 16.95
C ARG A 733 5.50 14.85 17.52
N GLY A 734 6.78 14.49 17.42
CA GLY A 734 7.25 13.20 17.92
C GLY A 734 8.77 13.06 18.03
N GLN A 735 9.25 11.87 18.36
CA GLN A 735 10.69 11.57 18.47
C GLN A 735 11.03 10.07 18.41
N LEU A 736 12.19 9.72 17.84
CA LEU A 736 12.62 8.31 17.72
C LEU A 736 14.15 8.10 17.71
N LEU A 737 14.56 6.82 17.69
CA LEU A 737 15.96 6.42 17.65
C LEU A 737 16.23 5.51 16.43
N ALA A 738 17.43 5.62 15.85
CA ALA A 738 17.81 4.81 14.68
C ALA A 738 19.34 4.67 14.47
N GLY A 739 19.75 3.82 13.52
CA GLY A 739 21.15 3.59 13.25
C GLY A 739 21.72 4.27 12.01
N ALA A 740 22.88 4.92 12.15
CA ALA A 740 23.50 5.64 11.04
C ALA A 740 24.13 4.83 9.90
N VAL A 741 23.83 5.27 8.67
CA VAL A 741 24.35 4.67 7.44
C VAL A 741 24.62 5.82 6.46
N VAL A 742 25.88 6.22 6.30
CA VAL A 742 26.25 7.31 5.39
C VAL A 742 26.35 6.80 3.95
N SER A 743 25.64 7.42 3.02
CA SER A 743 25.64 6.98 1.63
C SER A 743 25.59 8.09 0.57
N ASP A 744 26.27 7.85 -0.55
CA ASP A 744 26.31 8.80 -1.67
C ASP A 744 25.01 8.84 -2.48
N ASN A 745 24.11 7.87 -2.22
CA ASN A 745 22.83 7.84 -2.92
C ASN A 745 21.87 8.93 -2.41
N PHE A 746 22.28 9.64 -1.36
CA PHE A 746 21.45 10.69 -0.79
C PHE A 746 22.08 12.09 -0.83
N PRO A 747 21.40 13.04 -1.50
CA PRO A 747 21.85 14.42 -1.63
C PRO A 747 21.62 15.21 -0.35
N LYS A 748 22.21 16.41 -0.30
CA LYS A 748 22.09 17.29 0.86
C LYS A 748 20.63 17.63 1.20
N GLY A 749 20.25 17.40 2.46
CA GLY A 749 18.91 17.71 2.93
C GLY A 749 17.85 16.64 2.86
N ILE A 750 18.24 15.38 2.72
CA ILE A 750 17.27 14.28 2.64
C ILE A 750 17.75 13.03 3.41
N VAL A 751 16.84 12.41 4.16
CA VAL A 751 17.13 11.16 4.89
C VAL A 751 16.00 10.17 4.54
N ARG A 752 16.24 8.90 4.81
CA ARG A 752 15.24 7.87 4.56
C ARG A 752 15.19 6.83 5.69
N ILE A 753 13.98 6.39 6.02
CA ILE A 753 13.71 5.35 7.02
C ILE A 753 12.53 4.61 6.42
N HIS A 754 12.73 3.34 6.07
CA HIS A 754 11.69 2.53 5.42
C HIS A 754 10.42 2.28 6.23
N GLU A 755 9.29 2.36 5.54
CA GLU A 755 7.98 2.10 6.12
C GLU A 755 7.97 0.62 6.53
N GLY A 756 7.39 0.33 7.69
CA GLY A 756 7.32 -1.05 8.18
C GLY A 756 8.06 -1.36 9.48
N ALA A 757 8.98 -0.50 9.89
CA ALA A 757 9.75 -0.70 11.12
C ALA A 757 8.80 -0.62 12.34
N TRP A 758 8.65 -1.73 13.06
CA TRP A 758 7.78 -1.83 14.24
C TRP A 758 7.91 -0.77 15.32
N TYR A 759 6.77 -0.15 15.64
CA TYR A 759 6.67 0.89 16.68
C TYR A 759 6.82 0.24 18.06
N GLY A 760 7.76 0.74 18.86
CA GLY A 760 7.97 0.20 20.19
C GLY A 760 8.36 1.28 21.19
N PRO A 761 7.39 2.05 21.71
CA PRO A 761 7.58 3.14 22.69
C PRO A 761 7.95 2.67 24.10
N VAL A 762 8.65 3.54 24.81
CA VAL A 762 9.11 3.29 26.18
C VAL A 762 8.92 4.55 27.04
N GLY A 763 8.90 4.39 28.35
CA GLY A 763 8.75 5.54 29.21
C GLY A 763 10.03 6.34 29.30
N LYS A 764 10.04 7.36 30.14
CA LYS A 764 11.21 8.23 30.32
C LYS A 764 12.34 7.48 31.04
N ASP A 765 11.98 6.37 31.68
CA ASP A 765 12.94 5.52 32.39
C ASP A 765 13.27 4.26 31.61
N GLY A 766 12.78 4.19 30.37
CA GLY A 766 13.06 3.05 29.51
C GLY A 766 12.25 1.78 29.72
N SER A 767 11.12 1.89 30.42
CA SER A 767 10.28 0.73 30.70
C SER A 767 9.18 0.49 29.67
N THR A 768 8.70 -0.75 29.62
CA THR A 768 7.64 -1.15 28.70
C THR A 768 6.35 -0.39 29.03
N GLU A 769 5.95 -0.45 30.29
CA GLU A 769 4.74 0.18 30.81
C GLU A 769 4.59 1.68 30.56
N GLY A 770 5.70 2.41 30.69
CA GLY A 770 5.66 3.84 30.45
C GLY A 770 5.35 4.19 29.01
N GLY A 771 5.40 3.19 28.14
CA GLY A 771 5.14 3.37 26.73
C GLY A 771 3.74 3.84 26.33
N ALA A 772 2.84 3.86 27.31
CA ALA A 772 1.47 4.31 27.08
C ALA A 772 1.36 5.82 27.13
N GLU A 773 2.38 6.48 27.67
CA GLU A 773 2.41 7.94 27.80
C GLU A 773 2.31 8.68 26.47
N VAL A 774 1.60 9.80 26.46
CA VAL A 774 1.48 10.61 25.25
C VAL A 774 2.79 11.38 25.10
N GLY A 775 3.51 11.11 24.01
CA GLY A 775 4.78 11.77 23.75
C GLY A 775 6.00 10.87 24.00
N ALA A 776 5.77 9.59 24.21
CA ALA A 776 6.85 8.63 24.47
C ALA A 776 7.78 8.37 23.28
N LEU A 777 9.07 8.25 23.60
CA LEU A 777 10.13 7.99 22.63
C LEU A 777 10.08 6.56 22.06
N CYS A 778 10.23 6.41 20.75
CA CYS A 778 10.23 5.08 20.12
C CYS A 778 11.63 4.45 20.09
N SER A 779 11.80 3.33 20.79
CA SER A 779 13.09 2.64 20.86
C SER A 779 13.60 1.96 19.58
N TYR A 780 12.75 1.76 18.57
CA TYR A 780 13.17 1.11 17.33
C TYR A 780 13.29 2.00 16.08
N GLY A 781 12.26 2.80 15.77
CA GLY A 781 12.35 3.69 14.62
C GLY A 781 11.22 3.75 13.59
N ASP A 782 9.97 3.67 14.01
CA ASP A 782 8.84 3.75 13.08
C ASP A 782 8.72 5.20 12.57
N PRO A 783 8.81 5.41 11.23
CA PRO A 783 8.72 6.74 10.62
C PRO A 783 7.42 7.51 10.87
N ASN A 784 6.28 6.85 10.93
CA ASN A 784 5.00 7.55 11.16
C ASN A 784 4.87 8.17 12.57
N THR A 785 5.93 8.06 13.36
CA THR A 785 5.96 8.66 14.70
C THR A 785 6.11 10.17 14.52
N LEU A 786 6.63 10.57 13.37
CA LEU A 786 6.88 11.97 13.06
C LEU A 786 5.98 12.61 11.99
N THR A 787 5.12 11.81 11.37
CA THR A 787 4.25 12.31 10.28
C THR A 787 2.98 13.10 10.63
N LEU A 788 2.44 13.83 9.65
CA LEU A 788 1.22 14.62 9.82
C LEU A 788 0.00 14.00 9.13
N ASP A 789 -1.17 14.18 9.74
CA ASP A 789 -2.45 13.63 9.24
C ASP A 789 -3.27 14.72 8.52
N ILE A 790 -3.05 14.85 7.21
CA ILE A 790 -3.72 15.85 6.37
C ILE A 790 -4.42 15.25 5.15
N GLY A 791 -5.45 15.94 4.66
CA GLY A 791 -6.18 15.49 3.49
C GLY A 791 -5.60 16.13 2.23
N THR A 792 -5.34 15.28 1.24
CA THR A 792 -4.77 15.65 -0.06
C THR A 792 -5.32 16.96 -0.70
N SER A 793 -6.65 17.08 -0.76
CA SER A 793 -7.36 18.25 -1.28
C SER A 793 -8.85 17.90 -1.17
N LYS A 794 -9.72 18.89 -1.34
CA LYS A 794 -11.17 18.65 -1.27
C LYS A 794 -11.71 17.65 -2.31
N LEU A 795 -10.89 17.32 -3.32
CA LEU A 795 -11.30 16.38 -4.36
C LEU A 795 -11.23 14.90 -3.94
N ALA A 796 -10.10 14.47 -3.38
CA ALA A 796 -9.93 13.07 -2.98
C ALA A 796 -9.74 12.77 -1.50
N GLN A 797 -9.46 13.79 -0.68
CA GLN A 797 -9.25 13.62 0.76
C GLN A 797 -8.41 12.37 1.10
N ALA A 798 -7.27 12.21 0.42
CA ALA A 798 -6.39 11.04 0.62
C ALA A 798 -5.10 11.30 1.40
N CYS A 799 -4.30 10.24 1.56
CA CYS A 799 -3.03 10.26 2.30
C CYS A 799 -1.94 11.22 1.78
N SER A 800 -1.35 12.02 2.68
CA SER A 800 -0.31 13.00 2.31
C SER A 800 0.99 12.81 3.09
N ALA A 801 1.24 11.59 3.55
CA ALA A 801 2.42 11.25 4.33
C ALA A 801 3.79 11.83 3.94
N TYR A 802 4.02 12.08 2.66
CA TYR A 802 5.32 12.58 2.21
C TYR A 802 5.61 14.08 2.41
N THR A 803 4.60 14.84 2.82
CA THR A 803 4.77 16.27 3.09
C THR A 803 5.24 16.32 4.55
N CYS A 804 6.55 16.20 4.77
CA CYS A 804 7.09 16.15 6.13
C CYS A 804 8.50 16.75 6.28
N LEU A 805 8.70 17.57 7.32
CA LEU A 805 10.00 18.20 7.60
C LEU A 805 10.47 17.83 9.02
N VAL A 806 11.75 17.52 9.16
CA VAL A 806 12.31 17.14 10.45
C VAL A 806 13.73 17.69 10.68
N GLU A 807 14.37 17.20 11.75
CA GLU A 807 15.73 17.56 12.15
C GLU A 807 16.31 16.33 12.90
N PHE A 808 17.63 16.20 12.96
CA PHE A 808 18.25 15.06 13.66
C PHE A 808 19.58 15.38 14.33
N GLU A 809 19.91 14.63 15.39
CA GLU A 809 21.14 14.83 16.14
C GLU A 809 21.68 13.52 16.66
N LYS A 810 22.90 13.54 17.17
CA LYS A 810 23.54 12.34 17.72
C LYS A 810 22.94 12.10 19.10
N TYR A 811 22.37 10.91 19.31
CA TYR A 811 21.74 10.61 20.59
C TYR A 811 22.72 10.49 21.75
N GLN A 812 22.44 11.22 22.82
CA GLN A 812 23.25 11.19 24.02
C GLN A 812 22.35 11.22 25.25
N GLY A 813 22.02 10.02 25.72
CA GLY A 813 21.18 9.83 26.88
C GLY A 813 21.26 8.33 27.18
N LYS A 814 20.64 7.87 28.26
CA LYS A 814 20.68 6.45 28.59
C LYS A 814 19.96 5.67 27.48
N VAL A 815 20.64 4.69 26.93
CA VAL A 815 20.09 3.86 25.85
C VAL A 815 19.18 2.74 26.36
N PRO A 816 17.91 2.71 25.90
CA PRO A 816 16.91 1.71 26.30
C PRO A 816 16.95 0.37 25.52
N LYS A 817 16.15 -0.58 25.98
CA LYS A 817 16.06 -1.88 25.31
C LYS A 817 14.86 -1.82 24.37
N VAL A 818 14.88 -2.57 23.28
CA VAL A 818 13.76 -2.58 22.36
C VAL A 818 12.58 -3.34 22.99
N SER A 819 11.39 -2.75 22.95
CA SER A 819 10.18 -3.35 23.49
C SER A 819 9.22 -3.95 22.45
N SER A 820 9.51 -3.71 21.17
CA SER A 820 8.71 -4.15 20.04
C SER A 820 8.55 -5.66 19.75
N PHE A 821 9.60 -6.44 19.92
CA PHE A 821 9.55 -7.86 19.55
C PHE A 821 9.42 -8.93 20.62
N ASP A 822 9.44 -8.54 21.90
CA ASP A 822 9.39 -9.54 22.96
C ASP A 822 8.06 -9.95 23.59
N GLY A 823 6.95 -9.50 23.03
CA GLY A 823 5.67 -9.92 23.59
C GLY A 823 5.21 -9.24 24.87
N PRO A 824 4.02 -9.59 25.36
CA PRO A 824 3.36 -9.06 26.56
C PRO A 824 3.88 -9.48 27.94
N ILE A 825 3.48 -8.69 28.94
CA ILE A 825 3.79 -8.95 30.33
C ILE A 825 2.55 -9.71 30.79
N GLU A 826 2.74 -10.95 31.23
CA GLU A 826 1.61 -11.76 31.68
C GLU A 826 1.26 -11.58 33.15
N VAL A 827 0.04 -11.14 33.41
CA VAL A 827 -0.46 -10.90 34.75
C VAL A 827 -1.47 -11.99 35.13
N GLU A 828 -1.28 -12.59 36.30
CA GLU A 828 -2.21 -13.63 36.76
C GLU A 828 -3.07 -13.14 37.92
N ILE A 829 -4.36 -13.44 37.83
CA ILE A 829 -5.34 -13.06 38.86
C ILE A 829 -5.70 -14.30 39.69
#